data_5M6D
#
_entry.id   5M6D
#
_cell.length_a   81.041
_cell.length_b   130.237
_cell.length_c   79.837
_cell.angle_alpha   90.00
_cell.angle_beta   119.64
_cell.angle_gamma   90.00
#
_symmetry.space_group_name_H-M   'C 1 2 1'
#
loop_
_entity.id
_entity.type
_entity.pdbx_description
1 polymer 'Glyceraldehyde-3-phosphate dehydrogenase'
2 non-polymer 'CHLORIDE ION'
3 non-polymer 'CALCIUM ION'
4 non-polymer 'ACETIC ACID'
5 non-polymer GLYCEROL
6 water water
#
_entity_poly.entity_id   1
_entity_poly.type   'polypeptide(L)'
_entity_poly.pdbx_seq_one_letter_code
;MAHHHHHHGHHHQLENLYFQGVVKVGINGFGRIGRLAFRRIQNVEGVEVTRINDLTDPVMLAHLLKYDTTQGRFDGTVEV
KEGGFEVNGKFIKVSAERDPEQIDWATDGVEIVLEATGFFAKKEAAEKHLKGGAKKVVITAPGGNDVKTVVFNTNHDVLD
GTETVISGAS(CSU)TTNCLAPMAKALQDNFGVVEGLMTTIHAYTGDQMILDGPHRGGDLRRARAGAANIVPNSTGAAKA
IGLVIPELNGKLDGSAQRVPTPTGSVTELVAVLEKNVTVDEVNAAMKAASNESYGYTEDPIVSSDIVGMSYGSLFDATQT
KVLDVDGKQLVKVVSWYDNEMSYTAQLVRTLEYFAKIAK
;
_entity_poly.pdbx_strand_id   A,B
#
loop_
_chem_comp.id
_chem_comp.type
_chem_comp.name
_chem_comp.formula
ACY non-polymer 'ACETIC ACID' 'C2 H4 O2'
CA non-polymer 'CALCIUM ION' 'Ca 2'
CL non-polymer 'CHLORIDE ION' 'Cl -1'
GOL non-polymer GLYCEROL 'C3 H8 O3'
#
# COMPACT_ATOMS: atom_id res chain seq x y z
N HIS A 10 -35.30 -20.39 33.67
CA HIS A 10 -35.23 -21.31 34.80
C HIS A 10 -33.63 -21.61 34.74
N HIS A 11 -32.97 -21.79 35.94
CA HIS A 11 -31.64 -21.57 36.58
C HIS A 11 -30.42 -22.25 35.99
N HIS A 12 -30.54 -22.86 34.83
CA HIS A 12 -29.28 -23.02 34.10
C HIS A 12 -28.99 -21.70 33.39
N GLN A 13 -29.06 -20.59 34.11
CA GLN A 13 -29.13 -19.29 33.48
C GLN A 13 -27.78 -18.62 33.45
N LEU A 14 -27.65 -17.66 32.53
CA LEU A 14 -26.52 -16.75 32.56
C LEU A 14 -26.66 -15.78 33.73
N GLU A 15 -25.52 -15.36 34.29
CA GLU A 15 -25.54 -14.57 35.51
C GLU A 15 -24.70 -13.31 35.36
N ASN A 16 -23.49 -13.43 34.83
CA ASN A 16 -22.57 -12.28 34.79
C ASN A 16 -23.15 -11.14 33.96
N LEU A 17 -23.96 -11.44 32.95
CA LEU A 17 -24.61 -10.40 32.18
C LEU A 17 -25.62 -9.61 33.02
N TYR A 18 -26.11 -10.20 34.11
CA TYR A 18 -27.18 -9.60 34.89
C TYR A 18 -26.69 -8.97 36.19
N PHE A 19 -25.67 -9.54 36.82
CA PHE A 19 -25.33 -9.11 38.17
C PHE A 19 -23.84 -8.92 38.39
N GLN A 20 -23.03 -8.80 37.35
CA GLN A 20 -21.61 -8.57 37.53
C GLN A 20 -21.34 -7.09 37.73
N GLY A 21 -20.64 -6.76 38.82
CA GLY A 21 -20.31 -5.39 39.12
C GLY A 21 -19.09 -4.90 38.36
N VAL A 22 -17.93 -5.56 38.56
CA VAL A 22 -16.67 -5.11 37.99
C VAL A 22 -15.95 -6.31 37.40
N VAL A 23 -15.52 -6.18 36.15
CA VAL A 23 -14.60 -7.13 35.53
C VAL A 23 -13.19 -6.62 35.76
N LYS A 24 -12.41 -7.36 36.55
CA LYS A 24 -11.04 -6.98 36.85
C LYS A 24 -10.08 -7.66 35.88
N VAL A 25 -9.33 -6.85 35.14
CA VAL A 25 -8.46 -7.31 34.07
C VAL A 25 -7.00 -7.18 34.50
N GLY A 26 -6.19 -8.15 34.11
CA GLY A 26 -4.74 -8.07 34.26
C GLY A 26 -4.08 -8.10 32.91
N ILE A 27 -3.01 -7.33 32.75
CA ILE A 27 -2.29 -7.24 31.49
C ILE A 27 -0.88 -7.79 31.70
N ASN A 28 -0.53 -8.83 30.95
CA ASN A 28 0.83 -9.34 30.93
C ASN A 28 1.45 -8.90 29.62
N GLY A 29 2.38 -7.95 29.69
CA GLY A 29 2.98 -7.37 28.51
C GLY A 29 2.44 -5.98 28.22
N PHE A 30 3.20 -4.96 28.57
CA PHE A 30 2.76 -3.56 28.46
C PHE A 30 3.40 -2.87 27.28
N GLY A 31 3.39 -3.52 26.11
CA GLY A 31 3.82 -2.93 24.86
C GLY A 31 2.72 -2.09 24.26
N ARG A 32 2.84 -1.84 22.95
CA ARG A 32 1.88 -0.97 22.27
C ARG A 32 0.45 -1.40 22.56
N ILE A 33 0.14 -2.68 22.33
CA ILE A 33 -1.22 -3.16 22.48
C ILE A 33 -1.64 -3.16 23.94
N GLY A 34 -0.77 -3.64 24.82
CA GLY A 34 -1.12 -3.64 26.24
C GLY A 34 -1.43 -2.26 26.76
N ARG A 35 -0.64 -1.25 26.37
CA ARG A 35 -0.89 0.10 26.84
C ARG A 35 -2.15 0.68 26.23
N LEU A 36 -2.40 0.41 24.95
CA LEU A 36 -3.60 0.93 24.31
C LEU A 36 -4.85 0.25 24.86
N ALA A 37 -4.77 -1.04 25.19
CA ALA A 37 -5.90 -1.70 25.84
C ALA A 37 -6.18 -1.07 27.20
N PHE A 38 -5.12 -0.76 27.94
CA PHE A 38 -5.30 -0.04 29.21
C PHE A 38 -6.04 1.28 28.96
N ARG A 39 -5.64 2.02 27.93
CA ARG A 39 -6.28 3.30 27.65
C ARG A 39 -7.76 3.12 27.32
N ARG A 40 -8.09 2.13 26.49
N ARG A 40 -8.09 2.14 26.49
CA ARG A 40 -9.49 1.91 26.14
CA ARG A 40 -9.48 1.91 26.13
C ARG A 40 -10.31 1.52 27.36
C ARG A 40 -10.30 1.52 27.35
N ILE A 41 -9.75 0.67 28.22
CA ILE A 41 -10.51 0.18 29.37
C ILE A 41 -10.88 1.33 30.30
N GLN A 42 -10.05 2.40 30.33
CA GLN A 42 -10.39 3.57 31.12
C GLN A 42 -11.78 4.12 30.76
N ASN A 43 -12.24 3.89 29.54
CA ASN A 43 -13.52 4.40 29.07
C ASN A 43 -14.62 3.33 29.03
N VAL A 44 -14.33 2.13 29.51
CA VAL A 44 -15.32 1.04 29.54
C VAL A 44 -15.86 0.90 30.96
N GLU A 45 -17.11 1.31 31.17
CA GLU A 45 -17.74 1.15 32.47
C GLU A 45 -17.81 -0.33 32.86
N GLY A 46 -17.51 -0.62 34.12
CA GLY A 46 -17.59 -1.97 34.64
C GLY A 46 -16.42 -2.86 34.29
N VAL A 47 -15.37 -2.32 33.70
CA VAL A 47 -14.15 -3.07 33.42
C VAL A 47 -12.98 -2.18 33.83
N GLU A 48 -12.03 -2.76 34.56
CA GLU A 48 -10.88 -1.98 35.01
C GLU A 48 -9.67 -2.89 35.16
N VAL A 49 -8.51 -2.34 34.84
CA VAL A 49 -7.24 -3.05 35.02
C VAL A 49 -6.78 -2.87 36.45
N THR A 50 -6.52 -3.98 37.14
CA THR A 50 -6.05 -3.94 38.51
C THR A 50 -4.66 -4.52 38.69
N ARG A 51 -3.99 -4.91 37.60
CA ARG A 51 -2.66 -5.47 37.70
C ARG A 51 -1.97 -5.49 36.34
N ILE A 52 -0.75 -4.97 36.28
CA ILE A 52 0.07 -5.03 35.09
C ILE A 52 1.33 -5.81 35.45
N ASN A 53 1.80 -6.64 34.54
CA ASN A 53 3.04 -7.38 34.73
C ASN A 53 3.90 -7.18 33.49
N ASP A 54 5.10 -6.64 33.70
CA ASP A 54 5.99 -6.35 32.59
C ASP A 54 7.39 -6.18 33.17
N LEU A 55 8.41 -6.70 32.48
CA LEU A 55 9.76 -6.67 33.01
C LEU A 55 10.44 -5.32 32.86
N THR A 56 9.87 -4.40 32.08
CA THR A 56 10.45 -3.08 31.91
C THR A 56 10.34 -2.25 33.19
N ASP A 57 11.36 -1.42 33.40
CA ASP A 57 11.37 -0.47 34.50
C ASP A 57 10.06 0.33 34.52
N PRO A 58 9.36 0.42 35.66
CA PRO A 58 8.10 1.17 35.67
C PRO A 58 8.23 2.63 35.29
N VAL A 59 9.38 3.27 35.53
CA VAL A 59 9.55 4.66 35.12
C VAL A 59 9.43 4.76 33.60
N MET A 60 10.05 3.83 32.87
CA MET A 60 9.91 3.81 31.43
C MET A 60 8.47 3.55 31.01
N LEU A 61 7.81 2.59 31.67
CA LEU A 61 6.44 2.24 31.29
C LEU A 61 5.48 3.40 31.55
N ALA A 62 5.59 4.07 32.69
CA ALA A 62 4.73 5.21 32.97
C ALA A 62 4.90 6.30 31.92
N HIS A 63 6.15 6.55 31.50
CA HIS A 63 6.40 7.59 30.51
C HIS A 63 5.76 7.25 29.17
N LEU A 64 5.83 5.98 28.77
CA LEU A 64 5.27 5.57 27.48
C LEU A 64 3.75 5.52 27.53
N LEU A 65 3.15 5.33 28.71
CA LEU A 65 1.70 5.41 28.84
C LEU A 65 1.23 6.86 28.74
N LYS A 66 2.01 7.79 29.29
CA LYS A 66 1.63 9.20 29.26
C LYS A 66 1.76 9.79 27.86
N TYR A 67 2.80 9.40 27.13
CA TYR A 67 3.16 10.02 25.86
C TYR A 67 3.20 8.98 24.78
N ASP A 68 2.44 9.20 23.71
CA ASP A 68 2.27 8.23 22.64
C ASP A 68 2.30 8.95 21.31
N THR A 69 3.29 8.61 20.49
CA THR A 69 3.52 9.34 19.24
C THR A 69 2.26 9.36 18.36
N THR A 70 1.63 8.20 18.17
CA THR A 70 0.52 8.11 17.21
C THR A 70 -0.85 8.28 17.86
N GLN A 71 -1.00 7.93 19.13
CA GLN A 71 -2.32 7.89 19.75
C GLN A 71 -2.55 9.04 20.73
N GLY A 72 -1.61 9.98 20.84
CA GLY A 72 -1.81 11.19 21.62
C GLY A 72 -1.49 11.01 23.08
N ARG A 73 -1.63 12.11 23.82
CA ARG A 73 -1.35 12.08 25.26
C ARG A 73 -2.44 11.31 26.00
N PHE A 74 -2.03 10.66 27.09
CA PHE A 74 -2.97 9.96 27.94
C PHE A 74 -3.99 10.94 28.50
N ASP A 75 -5.25 10.51 28.52
CA ASP A 75 -6.36 11.32 29.04
C ASP A 75 -6.40 11.15 30.56
N GLY A 76 -5.60 11.97 31.26
CA GLY A 76 -5.55 11.92 32.70
C GLY A 76 -4.12 12.07 33.20
N THR A 77 -3.90 11.66 34.44
CA THR A 77 -2.60 11.76 35.10
C THR A 77 -2.04 10.37 35.38
N VAL A 78 -0.72 10.25 35.27
CA VAL A 78 0.00 9.01 35.57
C VAL A 78 1.20 9.37 36.44
N GLU A 79 1.32 8.71 37.59
CA GLU A 79 2.42 8.95 38.51
C GLU A 79 2.96 7.62 39.03
N VAL A 80 4.28 7.47 38.98
CA VAL A 80 4.93 6.26 39.49
C VAL A 80 4.85 6.24 41.00
N LYS A 81 4.51 5.10 41.56
CA LYS A 81 4.51 4.87 43.00
C LYS A 81 5.33 3.62 43.30
N GLU A 82 5.51 3.37 44.60
CA GLU A 82 6.40 2.29 45.05
C GLU A 82 6.08 0.97 44.36
N GLY A 83 4.85 0.51 44.47
CA GLY A 83 4.45 -0.78 43.93
C GLY A 83 3.79 -0.75 42.56
N GLY A 84 3.74 0.40 41.90
CA GLY A 84 3.06 0.50 40.62
C GLY A 84 2.80 1.93 40.17
N PHE A 85 1.61 2.21 39.63
CA PHE A 85 1.23 3.54 39.18
C PHE A 85 0.03 4.07 39.96
N GLU A 86 -0.03 5.39 40.05
CA GLU A 86 -1.27 6.11 40.40
C GLU A 86 -1.83 6.68 39.10
N VAL A 87 -2.95 6.12 38.64
CA VAL A 87 -3.56 6.50 37.36
C VAL A 87 -4.92 7.11 37.67
N ASN A 88 -5.08 8.39 37.40
CA ASN A 88 -6.33 9.11 37.69
C ASN A 88 -6.80 8.78 39.11
N GLY A 89 -5.86 8.89 40.05
CA GLY A 89 -6.16 8.60 41.44
C GLY A 89 -5.91 7.16 41.85
N LYS A 90 -6.54 6.22 41.15
CA LYS A 90 -6.49 4.82 41.55
C LYS A 90 -5.08 4.26 41.43
N PHE A 91 -4.62 3.58 42.47
CA PHE A 91 -3.36 2.86 42.42
C PHE A 91 -3.52 1.56 41.66
N ILE A 92 -2.49 1.20 40.89
CA ILE A 92 -2.51 0.01 40.06
C ILE A 92 -1.15 -0.68 40.17
N LYS A 93 -1.14 -1.89 40.71
CA LYS A 93 0.09 -2.62 40.95
C LYS A 93 0.78 -2.99 39.64
N VAL A 94 2.10 -2.86 39.61
CA VAL A 94 2.91 -3.22 38.44
C VAL A 94 4.03 -4.13 38.94
N SER A 95 3.98 -5.39 38.53
CA SER A 95 5.00 -6.38 38.88
C SER A 95 5.89 -6.64 37.67
N ALA A 96 6.89 -7.51 37.87
CA ALA A 96 7.85 -7.79 36.81
C ALA A 96 8.32 -9.24 36.90
N GLU A 97 7.39 -10.16 37.11
CA GLU A 97 7.72 -11.58 37.15
C GLU A 97 7.89 -12.12 35.74
N ARG A 98 8.98 -12.84 35.51
CA ARG A 98 9.25 -13.42 34.20
C ARG A 98 8.55 -14.77 34.02
N ASP A 99 8.07 -15.39 35.10
CA ASP A 99 7.36 -16.66 35.00
C ASP A 99 5.88 -16.43 35.27
N PRO A 100 5.00 -16.62 34.28
CA PRO A 100 3.56 -16.34 34.51
C PRO A 100 2.96 -17.09 35.68
N GLU A 101 3.47 -18.28 36.02
CA GLU A 101 2.94 -19.01 37.17
C GLU A 101 3.21 -18.28 38.48
N GLN A 102 4.13 -17.32 38.50
CA GLN A 102 4.47 -16.57 39.69
C GLN A 102 3.64 -15.30 39.86
N ILE A 103 2.79 -14.97 38.89
CA ILE A 103 1.96 -13.77 38.98
C ILE A 103 0.72 -14.12 39.81
N ASP A 104 0.59 -13.50 40.98
CA ASP A 104 -0.54 -13.75 41.89
C ASP A 104 -1.73 -12.86 41.50
N TRP A 105 -2.28 -13.15 40.31
CA TRP A 105 -3.38 -12.35 39.78
C TRP A 105 -4.53 -12.23 40.78
N ALA A 106 -4.85 -13.32 41.50
CA ALA A 106 -6.05 -13.34 42.33
C ALA A 106 -5.95 -12.39 43.53
N THR A 107 -4.73 -12.13 44.04
CA THR A 107 -4.60 -11.18 45.14
C THR A 107 -5.10 -9.80 44.73
N ASP A 108 -5.05 -9.49 43.44
CA ASP A 108 -5.59 -8.25 42.90
C ASP A 108 -6.98 -8.43 42.29
N GLY A 109 -7.63 -9.55 42.54
CA GLY A 109 -8.97 -9.79 42.05
C GLY A 109 -9.08 -10.03 40.56
N VAL A 110 -7.96 -10.32 39.88
CA VAL A 110 -7.99 -10.46 38.43
C VAL A 110 -8.68 -11.76 38.06
N GLU A 111 -9.65 -11.68 37.16
CA GLU A 111 -10.36 -12.84 36.64
C GLU A 111 -9.98 -13.19 35.21
N ILE A 112 -9.62 -12.21 34.40
CA ILE A 112 -9.24 -12.44 33.00
C ILE A 112 -7.94 -11.69 32.70
N VAL A 113 -7.06 -12.36 31.97
CA VAL A 113 -5.73 -11.84 31.66
C VAL A 113 -5.62 -11.61 30.17
N LEU A 114 -5.15 -10.42 29.79
CA LEU A 114 -4.72 -10.16 28.41
C LEU A 114 -3.24 -10.51 28.33
N GLU A 115 -2.92 -11.57 27.61
CA GLU A 115 -1.56 -12.08 27.51
C GLU A 115 -0.95 -11.54 26.22
N ALA A 116 -0.08 -10.54 26.36
CA ALA A 116 0.37 -9.75 25.22
C ALA A 116 1.89 -9.65 25.13
N THR A 117 2.62 -10.60 25.71
CA THR A 117 4.08 -10.60 25.61
C THR A 117 4.58 -11.24 24.32
N GLY A 118 3.84 -12.21 23.78
CA GLY A 118 4.32 -12.95 22.62
C GLY A 118 5.16 -14.17 22.95
N PHE A 119 5.23 -14.57 24.22
CA PHE A 119 6.02 -15.72 24.63
C PHE A 119 5.18 -16.83 25.28
N PHE A 120 3.86 -16.71 25.30
CA PHE A 120 3.01 -17.75 25.87
C PHE A 120 1.75 -17.91 25.02
N ALA A 121 1.94 -18.16 23.72
CA ALA A 121 0.82 -18.27 22.80
C ALA A 121 0.08 -19.59 22.95
N LYS A 122 0.81 -20.69 23.13
CA LYS A 122 0.19 -22.00 23.15
C LYS A 122 -0.61 -22.20 24.43
N LYS A 123 -1.62 -23.07 24.35
CA LYS A 123 -2.57 -23.26 25.44
C LYS A 123 -1.86 -23.53 26.77
N GLU A 124 -0.96 -24.51 26.80
CA GLU A 124 -0.28 -24.84 28.05
C GLU A 124 0.52 -23.66 28.59
N ALA A 125 1.15 -22.89 27.70
CA ALA A 125 1.92 -21.73 28.14
C ALA A 125 1.02 -20.65 28.73
N ALA A 126 -0.10 -20.36 28.05
CA ALA A 126 -1.00 -19.31 28.51
C ALA A 126 -1.77 -19.73 29.75
N GLU A 127 -2.01 -21.04 29.91
CA GLU A 127 -2.71 -21.53 31.08
C GLU A 127 -1.91 -21.37 32.36
N LYS A 128 -0.64 -20.99 32.27
CA LYS A 128 0.13 -20.72 33.48
C LYS A 128 -0.49 -19.60 34.32
N HIS A 129 -1.19 -18.67 33.67
CA HIS A 129 -1.83 -17.60 34.41
C HIS A 129 -2.89 -18.13 35.37
N LEU A 130 -3.46 -19.31 35.10
CA LEU A 130 -4.46 -19.88 35.99
C LEU A 130 -3.87 -20.27 37.33
N LYS A 131 -2.57 -20.58 37.37
CA LYS A 131 -1.94 -20.96 38.64
C LYS A 131 -2.03 -19.81 39.65
N GLY A 132 -1.85 -18.58 39.18
CA GLY A 132 -1.97 -17.41 40.03
C GLY A 132 -3.39 -17.07 40.44
N GLY A 133 -4.38 -17.78 39.89
CA GLY A 133 -5.77 -17.57 40.27
C GLY A 133 -6.62 -16.90 39.23
N ALA A 134 -6.08 -16.51 38.09
CA ALA A 134 -6.91 -15.98 37.01
C ALA A 134 -7.74 -17.10 36.41
N LYS A 135 -8.91 -16.72 35.89
CA LYS A 135 -9.88 -17.68 35.35
C LYS A 135 -9.78 -17.86 33.85
N LYS A 136 -9.54 -16.79 33.09
CA LYS A 136 -9.57 -16.82 31.64
C LYS A 136 -8.36 -16.07 31.09
N VAL A 137 -8.02 -16.36 29.83
CA VAL A 137 -6.88 -15.71 29.17
C VAL A 137 -7.25 -15.41 27.72
N VAL A 138 -6.87 -14.21 27.27
CA VAL A 138 -7.03 -13.80 25.88
C VAL A 138 -5.65 -13.50 25.33
N ILE A 139 -5.26 -14.19 24.25
CA ILE A 139 -3.96 -14.03 23.61
C ILE A 139 -4.06 -13.00 22.51
N THR A 140 -3.07 -12.10 22.45
CA THR A 140 -3.00 -11.07 21.41
C THR A 140 -2.32 -11.54 20.15
N ALA A 141 -2.44 -12.82 19.82
CA ALA A 141 -1.89 -13.35 18.59
C ALA A 141 -2.55 -14.70 18.32
N PRO A 142 -2.38 -15.25 17.11
CA PRO A 142 -2.81 -16.64 16.94
C PRO A 142 -2.16 -17.47 18.03
N GLY A 143 -2.84 -18.52 18.48
CA GLY A 143 -4.02 -19.01 17.81
C GLY A 143 -3.70 -20.44 17.47
N GLY A 144 -3.49 -21.25 18.50
CA GLY A 144 -2.84 -22.54 18.34
C GLY A 144 -3.78 -23.65 17.95
N ASN A 145 -3.43 -24.86 18.39
CA ASN A 145 -4.15 -26.06 17.98
C ASN A 145 -5.42 -26.31 18.79
N ASP A 146 -5.40 -26.01 20.08
CA ASP A 146 -6.56 -26.26 20.94
C ASP A 146 -7.12 -24.94 21.48
N VAL A 147 -7.03 -23.87 20.68
CA VAL A 147 -7.41 -22.54 21.12
C VAL A 147 -8.21 -21.86 20.02
N LYS A 148 -9.41 -21.39 20.38
CA LYS A 148 -10.31 -20.73 19.44
C LYS A 148 -9.82 -19.32 19.10
N THR A 149 -10.11 -18.90 17.87
CA THR A 149 -9.75 -17.58 17.36
C THR A 149 -11.02 -16.79 17.15
N VAL A 150 -11.10 -15.61 17.76
CA VAL A 150 -12.35 -14.85 17.86
C VAL A 150 -12.14 -13.45 17.30
N VAL A 151 -12.91 -13.11 16.26
CA VAL A 151 -13.07 -11.74 15.81
C VAL A 151 -14.44 -11.28 16.30
N PHE A 152 -14.46 -10.31 17.23
CA PHE A 152 -15.72 -9.88 17.79
C PHE A 152 -16.66 -9.38 16.69
N ASN A 153 -17.94 -9.66 16.88
CA ASN A 153 -19.01 -9.39 15.92
C ASN A 153 -18.82 -10.08 14.57
N THR A 154 -17.81 -10.95 14.43
CA THR A 154 -17.78 -11.90 13.32
C THR A 154 -18.06 -13.33 13.77
N ASN A 155 -17.43 -13.80 14.86
CA ASN A 155 -17.66 -15.18 15.28
C ASN A 155 -17.52 -15.38 16.78
N HIS A 156 -17.81 -14.36 17.59
CA HIS A 156 -17.72 -14.56 19.03
C HIS A 156 -18.82 -15.48 19.56
N ASP A 157 -19.85 -15.77 18.77
CA ASP A 157 -20.85 -16.74 19.18
C ASP A 157 -20.28 -18.15 19.28
N VAL A 158 -19.05 -18.37 18.81
CA VAL A 158 -18.41 -19.67 18.94
C VAL A 158 -18.06 -19.97 20.40
N LEU A 159 -17.99 -18.94 21.24
CA LEU A 159 -17.66 -19.10 22.64
C LEU A 159 -18.88 -19.60 23.43
N ASP A 160 -18.67 -20.60 24.29
CA ASP A 160 -19.69 -21.01 25.23
C ASP A 160 -19.39 -20.57 26.66
N GLY A 161 -18.22 -19.98 26.91
CA GLY A 161 -17.88 -19.47 28.22
C GLY A 161 -17.09 -20.41 29.10
N THR A 162 -16.92 -21.66 28.68
CA THR A 162 -16.16 -22.65 29.44
C THR A 162 -14.71 -22.77 28.98
N GLU A 163 -14.35 -22.14 27.87
CA GLU A 163 -12.97 -22.13 27.42
C GLU A 163 -12.09 -21.40 28.43
N THR A 164 -10.84 -21.85 28.55
CA THR A 164 -9.88 -21.17 29.41
C THR A 164 -9.03 -20.15 28.64
N VAL A 165 -8.47 -20.56 27.51
CA VAL A 165 -7.60 -19.69 26.71
C VAL A 165 -8.22 -19.51 25.34
N ILE A 166 -8.26 -18.25 24.87
CA ILE A 166 -8.72 -17.95 23.52
C ILE A 166 -7.76 -16.94 22.90
N SER A 167 -7.85 -16.83 21.57
CA SER A 167 -7.05 -15.88 20.80
C SER A 167 -7.95 -14.77 20.28
N GLY A 168 -7.46 -13.53 20.38
CA GLY A 168 -8.10 -12.40 19.75
C GLY A 168 -7.77 -12.24 18.29
N ALA A 169 -7.11 -13.23 17.68
CA ALA A 169 -6.66 -13.17 16.30
C ALA A 169 -5.61 -12.08 16.13
N SER A 170 -5.34 -11.72 14.88
CA SER A 170 -4.38 -10.67 14.56
C SER A 170 -5.11 -9.38 14.20
N CSU A 171 -4.38 -8.29 13.99
CA CSU A 171 -5.05 -7.07 13.62
CB CSU A 171 -4.31 -5.79 13.90
SG CSU A 171 -3.46 -5.28 12.44
S CSU A 171 -1.55 -6.35 12.66
C CSU A 171 -5.56 -7.07 12.17
O CSU A 171 -6.61 -6.53 11.82
OD1 CSU A 171 -1.94 -7.88 13.08
OD2 CSU A 171 -1.01 -6.41 11.41
OD3 CSU A 171 -0.91 -5.82 13.77
N THR A 172 -4.78 -7.71 11.31
CA THR A 172 -5.19 -7.85 9.92
C THR A 172 -6.42 -8.77 9.82
N THR A 173 -6.47 -9.84 10.62
CA THR A 173 -7.63 -10.73 10.59
C THR A 173 -8.89 -9.99 11.03
N ASN A 174 -8.78 -9.10 12.01
CA ASN A 174 -9.94 -8.37 12.48
C ASN A 174 -10.46 -7.38 11.45
N CYS A 175 -9.61 -6.94 10.52
CA CYS A 175 -10.09 -6.09 9.42
C CYS A 175 -10.69 -6.93 8.29
N LEU A 176 -9.99 -7.98 7.88
CA LEU A 176 -10.43 -8.79 6.74
C LEU A 176 -11.73 -9.55 7.05
N ALA A 177 -11.86 -10.08 8.27
CA ALA A 177 -12.89 -11.09 8.52
C ALA A 177 -14.30 -10.59 8.23
N PRO A 178 -14.75 -9.46 8.79
CA PRO A 178 -16.13 -9.03 8.50
C PRO A 178 -16.37 -8.73 7.03
N MET A 179 -15.35 -8.25 6.32
N MET A 179 -15.34 -8.28 6.31
CA MET A 179 -15.49 -8.00 4.89
CA MET A 179 -15.51 -7.98 4.89
C MET A 179 -15.67 -9.29 4.11
C MET A 179 -15.64 -9.28 4.07
N ALA A 180 -14.77 -10.25 4.34
CA ALA A 180 -14.84 -11.53 3.62
C ALA A 180 -16.11 -12.29 3.96
N LYS A 181 -16.56 -12.21 5.22
CA LYS A 181 -17.77 -12.92 5.61
C LYS A 181 -19.00 -12.35 4.91
N ALA A 182 -19.05 -11.03 4.74
CA ALA A 182 -20.21 -10.43 4.09
C ALA A 182 -20.31 -10.86 2.62
N LEU A 183 -19.16 -10.90 1.92
CA LEU A 183 -19.17 -11.44 0.57
C LEU A 183 -19.66 -12.89 0.56
N GLN A 184 -19.15 -13.71 1.46
CA GLN A 184 -19.57 -15.12 1.50
C GLN A 184 -21.06 -15.25 1.77
N ASP A 185 -21.58 -14.48 2.72
CA ASP A 185 -22.99 -14.63 3.08
C ASP A 185 -23.91 -14.18 1.94
N ASN A 186 -23.55 -13.08 1.27
CA ASN A 186 -24.42 -12.50 0.27
C ASN A 186 -24.27 -13.13 -1.11
N PHE A 187 -23.04 -13.45 -1.52
CA PHE A 187 -22.76 -13.82 -2.90
C PHE A 187 -22.02 -15.14 -3.06
N GLY A 188 -21.26 -15.60 -2.07
CA GLY A 188 -20.42 -16.76 -2.23
C GLY A 188 -19.07 -16.40 -2.80
N VAL A 189 -18.01 -16.96 -2.23
CA VAL A 189 -16.64 -16.70 -2.65
C VAL A 189 -16.05 -17.99 -3.23
N VAL A 190 -15.57 -17.92 -4.47
CA VAL A 190 -14.78 -19.00 -5.04
C VAL A 190 -13.37 -18.97 -4.48
N GLU A 191 -12.70 -17.82 -4.56
CA GLU A 191 -11.33 -17.67 -4.12
C GLU A 191 -11.02 -16.18 -4.13
N GLY A 192 -9.91 -15.82 -3.49
CA GLY A 192 -9.54 -14.41 -3.43
C GLY A 192 -8.14 -14.23 -2.91
N LEU A 193 -7.55 -13.08 -3.26
CA LEU A 193 -6.21 -12.70 -2.83
C LEU A 193 -6.28 -11.35 -2.12
N MET A 194 -5.61 -11.25 -0.98
CA MET A 194 -5.58 -10.03 -0.18
C MET A 194 -4.24 -9.30 -0.38
N THR A 195 -4.32 -7.97 -0.41
CA THR A 195 -3.14 -7.12 -0.26
C THR A 195 -3.43 -6.08 0.79
N THR A 196 -2.66 -6.08 1.87
N THR A 196 -2.62 -6.03 1.84
CA THR A 196 -2.71 -5.02 2.86
CA THR A 196 -2.75 -5.03 2.89
C THR A 196 -1.59 -4.03 2.59
C THR A 196 -1.60 -4.02 2.77
N ILE A 197 -1.95 -2.75 2.56
CA ILE A 197 -0.98 -1.67 2.54
C ILE A 197 -0.90 -1.17 3.97
N HIS A 198 0.21 -1.46 4.64
CA HIS A 198 0.26 -1.56 6.09
C HIS A 198 1.32 -0.61 6.66
N ALA A 199 0.99 0.04 7.76
CA ALA A 199 1.97 0.87 8.46
C ALA A 199 3.18 0.02 8.84
N TYR A 200 4.34 0.67 8.97
CA TYR A 200 5.48 -0.07 9.49
C TYR A 200 5.25 -0.38 10.97
N THR A 201 5.96 -1.40 11.46
CA THR A 201 5.78 -1.88 12.83
C THR A 201 7.13 -2.17 13.46
N GLY A 202 7.09 -2.55 14.74
CA GLY A 202 8.29 -2.76 15.54
C GLY A 202 9.10 -3.98 15.17
N ASP A 203 8.63 -4.83 14.26
CA ASP A 203 9.44 -5.94 13.77
C ASP A 203 10.30 -5.55 12.58
N GLN A 204 10.26 -4.29 12.16
CA GLN A 204 11.15 -3.72 11.15
C GLN A 204 12.22 -2.84 11.80
N MET A 205 13.33 -2.69 11.09
CA MET A 205 14.45 -1.89 11.56
C MET A 205 14.25 -0.41 11.21
N ILE A 206 14.74 0.47 12.10
CA ILE A 206 14.65 1.90 11.78
C ILE A 206 15.64 2.25 10.68
N LEU A 207 16.80 1.60 10.65
CA LEU A 207 17.76 1.74 9.56
C LEU A 207 18.26 0.35 9.17
N ASP A 208 18.77 0.23 7.94
CA ASP A 208 19.25 -1.05 7.42
C ASP A 208 20.18 -1.72 8.41
N GLY A 209 19.85 -2.96 8.80
CA GLY A 209 20.70 -3.69 9.72
C GLY A 209 20.24 -5.12 9.93
N PRO A 210 21.12 -5.96 10.47
CA PRO A 210 20.80 -7.39 10.62
C PRO A 210 19.54 -7.62 11.44
N HIS A 211 18.59 -8.36 10.86
CA HIS A 211 17.33 -8.68 11.50
C HIS A 211 17.44 -10.01 12.21
N ARG A 212 16.90 -10.10 13.44
CA ARG A 212 17.17 -11.27 14.27
C ARG A 212 16.60 -12.53 13.64
N GLY A 213 15.45 -12.40 12.98
CA GLY A 213 14.80 -13.53 12.32
C GLY A 213 15.41 -13.97 11.01
N GLY A 214 16.33 -13.18 10.45
CA GLY A 214 16.88 -13.49 9.16
C GLY A 214 16.08 -12.95 8.00
N ASP A 215 15.02 -12.17 8.26
CA ASP A 215 14.21 -11.63 7.19
C ASP A 215 14.98 -10.50 6.50
N LEU A 216 15.28 -10.71 5.21
CA LEU A 216 16.09 -9.76 4.47
C LEU A 216 15.33 -8.48 4.13
N ARG A 217 14.01 -8.47 4.29
CA ARG A 217 13.20 -7.29 4.05
C ARG A 217 12.88 -6.53 5.33
N ARG A 218 12.58 -7.23 6.43
N ARG A 218 12.58 -7.22 6.44
CA ARG A 218 12.43 -6.57 7.71
CA ARG A 218 12.43 -6.50 7.70
C ARG A 218 13.75 -6.00 8.23
C ARG A 218 13.75 -5.89 8.16
N ALA A 219 14.87 -6.34 7.59
CA ALA A 219 16.17 -5.77 7.91
C ALA A 219 16.33 -4.35 7.40
N ARG A 220 15.45 -3.89 6.51
CA ARG A 220 15.60 -2.61 5.85
C ARG A 220 14.87 -1.51 6.61
N ALA A 221 15.34 -0.28 6.42
CA ALA A 221 14.75 0.90 7.06
C ALA A 221 13.25 1.00 6.77
N GLY A 222 12.42 0.84 7.81
CA GLY A 222 10.99 0.69 7.59
C GLY A 222 10.25 1.97 7.27
N ALA A 223 10.78 3.11 7.71
CA ALA A 223 10.16 4.41 7.46
C ALA A 223 10.66 5.06 6.18
N ALA A 224 11.50 4.38 5.39
CA ALA A 224 12.05 4.96 4.17
C ALA A 224 11.89 4.04 2.97
N ASN A 225 11.01 3.04 3.05
CA ASN A 225 10.87 2.05 1.99
C ASN A 225 9.42 1.58 1.90
N ILE A 226 9.04 1.14 0.71
CA ILE A 226 7.95 0.19 0.53
C ILE A 226 8.54 -1.20 0.67
N VAL A 227 8.07 -1.95 1.65
CA VAL A 227 8.69 -3.23 2.03
C VAL A 227 7.66 -4.36 1.91
N PRO A 228 7.79 -5.25 0.92
CA PRO A 228 6.89 -6.42 0.87
C PRO A 228 7.11 -7.33 2.08
N ASN A 229 6.03 -7.91 2.58
CA ASN A 229 6.17 -8.88 3.65
C ASN A 229 5.02 -9.89 3.61
N SER A 230 5.30 -11.07 4.16
CA SER A 230 4.31 -12.13 4.15
C SER A 230 3.27 -11.91 5.25
N THR A 231 2.10 -12.49 5.05
CA THR A 231 0.97 -12.39 5.97
C THR A 231 0.47 -13.79 6.27
N GLY A 232 -0.47 -13.90 7.21
CA GLY A 232 -1.11 -15.17 7.47
C GLY A 232 -2.61 -15.08 7.59
N ALA A 233 -3.14 -13.85 7.66
CA ALA A 233 -4.57 -13.67 7.91
C ALA A 233 -5.42 -14.40 6.88
N ALA A 234 -5.11 -14.22 5.59
CA ALA A 234 -5.96 -14.80 4.56
C ALA A 234 -5.82 -16.32 4.50
N LYS A 235 -4.59 -16.83 4.60
CA LYS A 235 -4.39 -18.28 4.57
C LYS A 235 -5.06 -18.97 5.76
N ALA A 236 -5.16 -18.29 6.89
CA ALA A 236 -5.71 -18.88 8.11
C ALA A 236 -7.16 -18.47 8.37
N ILE A 237 -7.83 -17.84 7.40
CA ILE A 237 -9.16 -17.30 7.65
C ILE A 237 -10.14 -18.37 8.09
N GLY A 238 -9.93 -19.62 7.67
CA GLY A 238 -10.83 -20.70 8.01
C GLY A 238 -11.08 -20.87 9.48
N LEU A 239 -10.14 -20.39 10.30
CA LEU A 239 -10.28 -20.45 11.75
C LEU A 239 -11.38 -19.52 12.26
N VAL A 240 -11.72 -18.48 11.49
CA VAL A 240 -12.78 -17.54 11.85
C VAL A 240 -14.01 -17.76 10.99
N ILE A 241 -13.83 -18.06 9.71
CA ILE A 241 -14.95 -18.28 8.79
C ILE A 241 -14.77 -19.66 8.15
N PRO A 242 -15.32 -20.73 8.74
CA PRO A 242 -15.08 -22.07 8.19
C PRO A 242 -15.38 -22.20 6.70
N GLU A 243 -16.41 -21.51 6.19
CA GLU A 243 -16.78 -21.64 4.79
C GLU A 243 -15.74 -21.10 3.83
N LEU A 244 -14.77 -20.32 4.31
CA LEU A 244 -13.70 -19.81 3.47
C LEU A 244 -12.38 -20.55 3.66
N ASN A 245 -12.39 -21.67 4.37
CA ASN A 245 -11.16 -22.39 4.65
C ASN A 245 -10.44 -22.74 3.36
N GLY A 246 -9.18 -22.33 3.24
CA GLY A 246 -8.39 -22.68 2.08
C GLY A 246 -8.71 -21.90 0.82
N LYS A 247 -9.61 -20.92 0.87
CA LYS A 247 -10.01 -20.18 -0.32
C LYS A 247 -9.24 -18.89 -0.55
N LEU A 248 -8.50 -18.39 0.45
CA LEU A 248 -7.83 -17.10 0.33
C LEU A 248 -6.33 -17.22 0.56
N ASP A 249 -5.58 -16.29 -0.03
CA ASP A 249 -4.16 -16.10 0.26
C ASP A 249 -3.91 -14.60 0.21
N GLY A 250 -2.71 -14.18 0.61
CA GLY A 250 -2.44 -12.75 0.59
C GLY A 250 -1.01 -12.42 0.97
N SER A 251 -0.76 -11.12 1.05
CA SER A 251 0.54 -10.59 1.45
C SER A 251 0.36 -9.11 1.75
N ALA A 252 1.46 -8.45 2.12
CA ALA A 252 1.43 -7.08 2.56
C ALA A 252 2.50 -6.26 1.87
N GLN A 253 2.25 -4.96 1.78
CA GLN A 253 3.27 -3.96 1.48
C GLN A 253 3.32 -3.01 2.68
N ARG A 254 4.42 -3.07 3.44
CA ARG A 254 4.62 -2.12 4.53
C ARG A 254 5.12 -0.79 3.98
N VAL A 255 4.54 0.31 4.44
CA VAL A 255 4.85 1.61 3.87
C VAL A 255 5.14 2.62 4.97
N PRO A 256 5.68 3.85 4.62
CA PRO A 256 6.17 4.78 5.66
C PRO A 256 5.09 5.62 6.33
N THR A 257 4.19 4.96 7.07
N THR A 257 4.15 4.96 7.03
CA THR A 257 3.35 5.64 8.03
CA THR A 257 3.37 5.65 8.04
C THR A 257 3.42 4.87 9.35
C THR A 257 3.47 4.87 9.36
N PRO A 258 3.50 5.55 10.50
CA PRO A 258 3.70 4.84 11.77
C PRO A 258 2.47 4.14 12.32
N THR A 259 1.27 4.47 11.84
CA THR A 259 0.11 3.61 12.09
C THR A 259 -0.97 3.98 11.09
N GLY A 260 -1.89 3.02 10.86
CA GLY A 260 -2.91 3.18 9.85
C GLY A 260 -2.65 2.32 8.63
N SER A 261 -3.63 1.48 8.27
CA SER A 261 -3.44 0.47 7.24
C SER A 261 -4.74 0.30 6.48
N VAL A 262 -4.68 -0.42 5.35
CA VAL A 262 -5.87 -0.67 4.54
C VAL A 262 -5.73 -2.03 3.87
N THR A 263 -6.85 -2.77 3.82
CA THR A 263 -6.89 -4.14 3.30
C THR A 263 -7.73 -4.19 2.04
N GLU A 264 -7.14 -4.66 0.94
CA GLU A 264 -7.83 -4.88 -0.31
C GLU A 264 -8.01 -6.38 -0.53
N LEU A 265 -9.20 -6.77 -0.96
CA LEU A 265 -9.48 -8.15 -1.34
C LEU A 265 -9.99 -8.18 -2.77
N VAL A 266 -9.30 -8.94 -3.63
CA VAL A 266 -9.73 -9.19 -5.00
C VAL A 266 -10.25 -10.62 -5.02
N ALA A 267 -11.52 -10.80 -5.39
CA ALA A 267 -12.19 -12.07 -5.23
C ALA A 267 -12.98 -12.45 -6.48
N VAL A 268 -13.07 -13.76 -6.71
CA VAL A 268 -14.03 -14.35 -7.64
C VAL A 268 -15.24 -14.81 -6.82
N LEU A 269 -16.42 -14.37 -7.21
CA LEU A 269 -17.63 -14.72 -6.47
C LEU A 269 -18.40 -15.82 -7.21
N GLU A 270 -19.41 -16.34 -6.54
CA GLU A 270 -20.22 -17.42 -7.08
C GLU A 270 -21.42 -16.92 -7.87
N LYS A 271 -21.60 -15.59 -7.96
CA LYS A 271 -22.67 -15.01 -8.77
C LYS A 271 -22.25 -13.61 -9.18
N ASN A 272 -22.90 -13.11 -10.23
CA ASN A 272 -22.61 -11.77 -10.72
C ASN A 272 -23.33 -10.71 -9.90
N VAL A 273 -22.66 -9.56 -9.74
CA VAL A 273 -23.11 -8.48 -8.87
C VAL A 273 -22.83 -7.16 -9.57
N THR A 274 -23.35 -6.08 -8.97
CA THR A 274 -23.00 -4.72 -9.34
C THR A 274 -22.30 -4.05 -8.16
N VAL A 275 -21.64 -2.93 -8.45
CA VAL A 275 -20.95 -2.18 -7.40
C VAL A 275 -21.94 -1.78 -6.29
N ASP A 276 -23.11 -1.26 -6.69
CA ASP A 276 -24.11 -0.85 -5.70
C ASP A 276 -24.58 -2.02 -4.83
N GLU A 277 -24.74 -3.20 -5.43
CA GLU A 277 -25.16 -4.37 -4.66
C GLU A 277 -24.12 -4.75 -3.61
N VAL A 278 -22.85 -4.74 -3.99
CA VAL A 278 -21.78 -5.01 -3.04
C VAL A 278 -21.82 -4.00 -1.90
N ASN A 279 -21.87 -2.70 -2.23
CA ASN A 279 -21.82 -1.68 -1.20
C ASN A 279 -23.02 -1.79 -0.26
N ALA A 280 -24.20 -2.08 -0.83
CA ALA A 280 -25.39 -2.23 0.01
C ALA A 280 -25.26 -3.42 0.95
N ALA A 281 -24.62 -4.49 0.48
CA ALA A 281 -24.41 -5.65 1.35
C ALA A 281 -23.51 -5.29 2.53
N MET A 282 -22.46 -4.50 2.30
CA MET A 282 -21.58 -4.11 3.40
C MET A 282 -22.30 -3.21 4.39
N LYS A 283 -23.07 -2.24 3.89
CA LYS A 283 -23.84 -1.37 4.78
C LYS A 283 -24.74 -2.18 5.70
N ALA A 284 -25.38 -3.22 5.17
CA ALA A 284 -26.30 -4.01 5.99
C ALA A 284 -25.56 -4.84 7.03
N ALA A 285 -24.31 -5.18 6.75
CA ALA A 285 -23.48 -5.92 7.70
C ALA A 285 -22.80 -5.02 8.72
N SER A 286 -23.02 -3.71 8.68
CA SER A 286 -22.27 -2.79 9.52
C SER A 286 -22.77 -2.86 10.96
N ASN A 287 -21.85 -2.59 11.89
CA ASN A 287 -22.13 -2.60 13.32
C ASN A 287 -20.99 -1.86 14.02
N GLU A 288 -20.88 -1.99 15.33
CA GLU A 288 -19.85 -1.22 16.02
C GLU A 288 -18.44 -1.73 15.72
N SER A 289 -18.31 -2.97 15.21
CA SER A 289 -17.00 -3.48 14.83
C SER A 289 -16.69 -3.23 13.36
N TYR A 290 -17.69 -3.24 12.49
CA TYR A 290 -17.52 -3.13 11.04
C TYR A 290 -18.27 -1.89 10.58
N GLY A 291 -17.54 -0.82 10.28
CA GLY A 291 -18.15 0.41 9.84
C GLY A 291 -18.32 0.48 8.34
N TYR A 292 -19.09 1.48 7.91
CA TYR A 292 -19.37 1.75 6.51
C TYR A 292 -19.18 3.25 6.28
N THR A 293 -18.44 3.61 5.24
CA THR A 293 -18.35 5.01 4.85
C THR A 293 -18.36 5.16 3.34
N GLU A 294 -18.94 6.28 2.90
CA GLU A 294 -18.85 6.72 1.51
C GLU A 294 -18.04 7.99 1.36
N ASP A 295 -17.36 8.45 2.44
CA ASP A 295 -16.49 9.61 2.34
C ASP A 295 -15.11 9.19 1.83
N PRO A 296 -14.46 10.03 0.85
CA PRO A 296 -13.12 9.68 0.32
C PRO A 296 -12.02 10.04 1.31
N ILE A 297 -11.91 9.23 2.36
CA ILE A 297 -10.98 9.49 3.44
C ILE A 297 -9.59 8.97 3.08
N VAL A 298 -8.60 9.27 3.92
CA VAL A 298 -7.25 8.76 3.79
C VAL A 298 -6.83 8.20 5.16
N SER A 299 -5.63 7.63 5.21
CA SER A 299 -5.26 6.79 6.37
C SER A 299 -5.27 7.57 7.69
N SER A 300 -4.85 8.83 7.68
CA SER A 300 -4.82 9.58 8.95
C SER A 300 -6.21 9.72 9.55
N ASP A 301 -7.27 9.59 8.75
CA ASP A 301 -8.63 9.75 9.22
C ASP A 301 -9.13 8.58 10.05
N ILE A 302 -8.42 7.45 10.08
CA ILE A 302 -8.83 6.27 10.83
C ILE A 302 -7.93 6.01 12.04
N VAL A 303 -6.89 6.82 12.26
CA VAL A 303 -6.03 6.63 13.43
C VAL A 303 -6.84 6.87 14.68
N GLY A 304 -6.74 5.94 15.64
CA GLY A 304 -7.46 6.07 16.88
C GLY A 304 -8.93 5.63 16.83
N MET A 305 -9.42 5.19 15.68
CA MET A 305 -10.85 4.87 15.55
C MET A 305 -11.19 3.57 16.26
N SER A 306 -12.47 3.39 16.56
CA SER A 306 -12.93 2.28 17.37
C SER A 306 -13.47 1.10 16.56
N TYR A 307 -13.73 1.28 15.26
CA TYR A 307 -14.10 0.14 14.44
C TYR A 307 -12.92 -0.81 14.30
N GLY A 308 -13.19 -2.12 14.29
CA GLY A 308 -12.17 -3.07 13.92
C GLY A 308 -11.84 -3.02 12.45
N SER A 309 -12.77 -2.51 11.63
CA SER A 309 -12.73 -2.58 10.18
C SER A 309 -13.69 -1.51 9.68
N LEU A 310 -13.29 -0.73 8.69
CA LEU A 310 -14.12 0.34 8.13
C LEU A 310 -14.16 0.19 6.61
N PHE A 311 -15.27 -0.33 6.11
CA PHE A 311 -15.45 -0.53 4.68
C PHE A 311 -15.58 0.81 3.95
N ASP A 312 -14.88 0.94 2.84
CA ASP A 312 -14.82 2.18 2.06
C ASP A 312 -15.50 1.91 0.72
N ALA A 313 -16.74 2.38 0.60
CA ALA A 313 -17.53 2.14 -0.60
C ALA A 313 -16.99 2.85 -1.82
N THR A 314 -16.14 3.87 -1.64
CA THR A 314 -15.60 4.59 -2.78
C THR A 314 -14.56 3.80 -3.55
N GLN A 315 -14.03 2.71 -2.98
CA GLN A 315 -12.98 1.93 -3.62
C GLN A 315 -13.50 0.62 -4.20
N THR A 316 -14.80 0.39 -4.21
CA THR A 316 -15.35 -0.85 -4.75
C THR A 316 -15.23 -0.91 -6.27
N LYS A 317 -14.82 -2.07 -6.78
CA LYS A 317 -14.74 -2.30 -8.22
C LYS A 317 -15.34 -3.65 -8.58
N VAL A 318 -16.09 -3.67 -9.67
CA VAL A 318 -16.60 -4.90 -10.29
C VAL A 318 -16.19 -4.85 -11.75
N LEU A 319 -15.15 -5.59 -12.11
CA LEU A 319 -14.72 -5.72 -13.49
C LEU A 319 -15.50 -6.85 -14.15
N ASP A 320 -16.22 -6.53 -15.22
CA ASP A 320 -17.06 -7.49 -15.93
C ASP A 320 -16.58 -7.55 -17.37
N VAL A 321 -16.04 -8.71 -17.77
CA VAL A 321 -15.48 -8.92 -19.11
C VAL A 321 -16.29 -10.05 -19.74
N ASP A 322 -17.22 -9.69 -20.64
CA ASP A 322 -18.11 -10.65 -21.28
C ASP A 322 -18.77 -11.55 -20.23
N GLY A 323 -19.22 -10.94 -19.13
CA GLY A 323 -19.94 -11.64 -18.09
C GLY A 323 -19.09 -12.31 -17.04
N LYS A 324 -17.76 -12.36 -17.21
CA LYS A 324 -16.87 -12.92 -16.19
C LYS A 324 -16.39 -11.78 -15.30
N GLN A 325 -16.52 -11.94 -13.99
CA GLN A 325 -16.37 -10.84 -13.05
C GLN A 325 -15.24 -11.07 -12.06
N LEU A 326 -14.51 -10.00 -11.78
CA LEU A 326 -13.57 -9.90 -10.68
C LEU A 326 -13.99 -8.71 -9.82
N VAL A 327 -14.00 -8.90 -8.50
CA VAL A 327 -14.49 -7.91 -7.55
C VAL A 327 -13.35 -7.47 -6.64
N LYS A 328 -13.28 -6.17 -6.36
CA LYS A 328 -12.36 -5.61 -5.38
C LYS A 328 -13.15 -4.88 -4.29
N VAL A 329 -12.88 -5.23 -3.03
CA VAL A 329 -13.44 -4.55 -1.87
C VAL A 329 -12.29 -4.16 -0.95
N VAL A 330 -12.45 -3.04 -0.23
CA VAL A 330 -11.35 -2.42 0.51
C VAL A 330 -11.85 -1.89 1.84
N SER A 331 -11.14 -2.20 2.92
N SER A 331 -11.14 -2.21 2.92
CA SER A 331 -11.50 -1.76 4.26
CA SER A 331 -11.50 -1.77 4.26
C SER A 331 -10.29 -1.17 4.98
C SER A 331 -10.29 -1.16 4.96
N TRP A 332 -10.52 -0.07 5.69
CA TRP A 332 -9.49 0.60 6.48
C TRP A 332 -9.40 0.01 7.89
N TYR A 333 -8.21 0.07 8.48
CA TYR A 333 -8.09 -0.19 9.91
C TYR A 333 -6.85 0.47 10.48
N ASP A 334 -6.98 0.97 11.71
CA ASP A 334 -5.82 1.37 12.50
C ASP A 334 -5.28 0.11 13.15
N ASN A 335 -4.20 -0.42 12.56
CA ASN A 335 -3.62 -1.67 13.03
C ASN A 335 -3.30 -1.65 14.51
N GLU A 336 -3.20 -0.47 15.13
CA GLU A 336 -3.07 -0.35 16.59
C GLU A 336 -4.43 -0.34 17.28
N MET A 337 -5.18 0.76 17.13
CA MET A 337 -6.38 0.96 17.95
C MET A 337 -7.58 0.12 17.50
N SER A 338 -7.73 -0.14 16.19
CA SER A 338 -8.84 -0.99 15.75
C SER A 338 -8.73 -2.38 16.34
N TYR A 339 -7.53 -2.95 16.30
CA TYR A 339 -7.28 -4.27 16.90
C TYR A 339 -7.47 -4.24 18.40
N THR A 340 -6.98 -3.18 19.06
CA THR A 340 -7.16 -3.02 20.50
C THR A 340 -8.64 -2.93 20.86
N ALA A 341 -9.42 -2.17 20.09
CA ALA A 341 -10.85 -2.05 20.40
C ALA A 341 -11.53 -3.40 20.31
N GLN A 342 -11.12 -4.21 19.33
CA GLN A 342 -11.67 -5.55 19.19
C GLN A 342 -11.26 -6.44 20.36
N LEU A 343 -9.97 -6.40 20.73
CA LEU A 343 -9.51 -7.17 21.89
C LEU A 343 -10.33 -6.84 23.13
N VAL A 344 -10.64 -5.56 23.34
CA VAL A 344 -11.32 -5.16 24.57
C VAL A 344 -12.79 -5.60 24.53
N ARG A 345 -13.42 -5.55 23.35
CA ARG A 345 -14.77 -6.12 23.22
C ARG A 345 -14.78 -7.59 23.59
N THR A 346 -13.82 -8.35 23.03
CA THR A 346 -13.75 -9.78 23.32
C THR A 346 -13.39 -10.04 24.78
N LEU A 347 -12.51 -9.22 25.35
CA LEU A 347 -12.17 -9.36 26.76
C LEU A 347 -13.41 -9.26 27.63
N GLU A 348 -14.22 -8.23 27.42
CA GLU A 348 -15.42 -8.03 28.23
C GLU A 348 -16.42 -9.15 27.99
N TYR A 349 -16.74 -9.43 26.72
CA TYR A 349 -17.71 -10.47 26.41
C TYR A 349 -17.30 -11.81 27.03
N PHE A 350 -16.05 -12.22 26.83
CA PHE A 350 -15.58 -13.50 27.35
C PHE A 350 -15.76 -13.57 28.85
N ALA A 351 -15.37 -12.51 29.56
CA ALA A 351 -15.54 -12.49 31.01
C ALA A 351 -16.99 -12.59 31.41
N LYS A 352 -17.88 -11.98 30.64
CA LYS A 352 -19.29 -11.87 31.03
C LYS A 352 -20.13 -13.09 30.65
N ILE A 353 -19.71 -13.88 29.67
CA ILE A 353 -20.39 -15.15 29.40
C ILE A 353 -19.62 -16.33 29.99
N ALA A 354 -18.58 -16.05 30.78
CA ALA A 354 -17.94 -17.10 31.57
C ALA A 354 -19.01 -17.96 32.22
N LYS A 355 -20.07 -17.30 32.69
CA LYS A 355 -21.35 -17.93 33.03
C LYS A 355 -22.14 -16.95 33.89
N VAL B 22 23.52 13.42 -35.54
CA VAL B 22 23.01 13.89 -34.26
C VAL B 22 21.54 14.24 -34.37
N VAL B 23 20.77 13.73 -33.41
CA VAL B 23 19.37 14.08 -33.26
C VAL B 23 19.29 15.28 -32.31
N LYS B 24 18.84 16.41 -32.81
CA LYS B 24 18.72 17.61 -31.99
C LYS B 24 17.31 17.67 -31.39
N VAL B 25 17.25 17.66 -30.06
CA VAL B 25 15.99 17.56 -29.32
C VAL B 25 15.75 18.87 -28.59
N GLY B 26 14.49 19.26 -28.52
CA GLY B 26 14.07 20.39 -27.68
C GLY B 26 13.11 19.93 -26.61
N ILE B 27 13.21 20.55 -25.43
CA ILE B 27 12.39 20.18 -24.27
C ILE B 27 11.48 21.33 -23.93
N ASN B 28 10.16 21.08 -23.96
CA ASN B 28 9.15 22.03 -23.49
C ASN B 28 8.63 21.54 -22.15
N GLY B 29 8.99 22.24 -21.08
CA GLY B 29 8.61 21.84 -19.74
C GLY B 29 9.76 21.19 -19.00
N PHE B 30 10.39 21.94 -18.09
CA PHE B 30 11.58 21.46 -17.38
C PHE B 30 11.22 21.05 -15.95
N GLY B 31 10.14 20.26 -15.83
CA GLY B 31 9.77 19.66 -14.57
C GLY B 31 10.56 18.39 -14.33
N ARG B 32 10.04 17.55 -13.43
CA ARG B 32 10.78 16.34 -13.05
C ARG B 32 11.19 15.55 -14.30
N ILE B 33 10.23 15.25 -15.17
CA ILE B 33 10.51 14.42 -16.34
C ILE B 33 11.43 15.16 -17.32
N GLY B 34 11.14 16.43 -17.58
CA GLY B 34 11.97 17.18 -18.50
C GLY B 34 13.42 17.25 -18.06
N ARG B 35 13.65 17.47 -16.76
CA ARG B 35 15.02 17.56 -16.27
C ARG B 35 15.71 16.20 -16.31
N LEU B 36 15.00 15.14 -15.91
CA LEU B 36 15.63 13.82 -15.92
C LEU B 36 15.89 13.34 -17.34
N ALA B 37 15.01 13.68 -18.28
CA ALA B 37 15.28 13.35 -19.67
C ALA B 37 16.52 14.08 -20.18
N PHE B 38 16.68 15.35 -19.80
CA PHE B 38 17.91 16.05 -20.14
C PHE B 38 19.13 15.31 -19.59
N ARG B 39 19.06 14.85 -18.33
CA ARG B 39 20.18 14.15 -17.73
C ARG B 39 20.52 12.89 -18.50
N ARG B 40 19.50 12.16 -18.96
CA ARG B 40 19.72 10.92 -19.70
C ARG B 40 20.30 11.20 -21.09
N ILE B 41 19.76 12.20 -21.79
CA ILE B 41 20.20 12.47 -23.15
C ILE B 41 21.68 12.84 -23.18
N GLN B 42 22.21 13.38 -22.09
CA GLN B 42 23.64 13.67 -22.04
C GLN B 42 24.46 12.44 -22.35
N ASN B 43 23.92 11.25 -22.07
CA ASN B 43 24.62 9.99 -22.27
C ASN B 43 24.14 9.21 -23.50
N VAL B 44 23.28 9.79 -24.31
CA VAL B 44 22.82 9.16 -25.54
C VAL B 44 23.62 9.81 -26.66
N GLU B 45 24.64 9.10 -27.14
CA GLU B 45 25.42 9.60 -28.26
C GLU B 45 24.53 9.70 -29.49
N GLY B 46 24.69 10.78 -30.25
CA GLY B 46 23.84 11.04 -31.38
C GLY B 46 22.51 11.66 -31.03
N VAL B 47 22.31 12.06 -29.78
CA VAL B 47 21.15 12.81 -29.34
C VAL B 47 21.63 13.90 -28.40
N GLU B 48 21.18 15.14 -28.60
CA GLU B 48 21.58 16.22 -27.73
C GLU B 48 20.49 17.28 -27.68
N VAL B 49 20.29 17.84 -26.49
CA VAL B 49 19.34 18.93 -26.29
C VAL B 49 20.02 20.24 -26.64
N THR B 50 19.42 21.00 -27.55
CA THR B 50 19.94 22.30 -27.95
C THR B 50 18.95 23.43 -27.65
N ARG B 51 17.82 23.12 -27.02
CA ARG B 51 16.84 24.16 -26.72
C ARG B 51 15.91 23.64 -25.63
N ILE B 52 15.91 24.34 -24.49
CA ILE B 52 14.92 24.14 -23.45
C ILE B 52 14.05 25.38 -23.41
N ASN B 53 12.76 25.22 -23.13
CA ASN B 53 12.02 26.41 -22.77
C ASN B 53 10.87 26.10 -21.82
N ASP B 54 10.77 26.96 -20.82
CA ASP B 54 9.94 26.78 -19.65
C ASP B 54 9.71 28.19 -19.13
N LEU B 55 8.54 28.40 -18.56
CA LEU B 55 8.19 29.75 -18.12
C LEU B 55 8.85 30.13 -16.81
N THR B 56 9.86 29.37 -16.37
CA THR B 56 10.53 29.66 -15.11
C THR B 56 11.84 30.40 -15.35
N ASP B 57 12.18 31.27 -14.41
CA ASP B 57 13.46 31.96 -14.41
C ASP B 57 14.60 30.97 -14.60
N PRO B 58 15.52 31.20 -15.54
CA PRO B 58 16.60 30.22 -15.77
C PRO B 58 17.46 29.96 -14.54
N VAL B 59 17.59 30.92 -13.63
CA VAL B 59 18.36 30.69 -12.41
C VAL B 59 17.74 29.57 -11.59
N MET B 60 16.41 29.57 -11.47
CA MET B 60 15.72 28.49 -10.78
C MET B 60 15.90 27.17 -11.49
N LEU B 61 15.81 27.16 -12.83
CA LEU B 61 15.95 25.92 -13.58
C LEU B 61 17.35 25.34 -13.45
N ALA B 62 18.37 26.19 -13.54
CA ALA B 62 19.74 25.73 -13.38
C ALA B 62 19.97 25.11 -12.00
N HIS B 63 19.40 25.72 -10.97
CA HIS B 63 19.57 25.18 -9.62
C HIS B 63 18.91 23.81 -9.48
N LEU B 64 17.71 23.65 -10.06
CA LEU B 64 17.00 22.38 -9.95
C LEU B 64 17.62 21.28 -10.81
N LEU B 65 18.34 21.65 -11.88
CA LEU B 65 19.07 20.65 -12.64
C LEU B 65 20.28 20.15 -11.86
N LYS B 66 20.96 21.04 -11.16
CA LYS B 66 22.17 20.67 -10.42
C LYS B 66 21.83 19.80 -9.22
N TYR B 67 20.78 20.13 -8.49
CA TYR B 67 20.47 19.52 -7.21
C TYR B 67 19.10 18.86 -7.27
N ASP B 68 19.06 17.57 -6.94
CA ASP B 68 17.85 16.77 -7.11
C ASP B 68 17.68 15.89 -5.88
N THR B 69 16.59 16.10 -5.14
CA THR B 69 16.40 15.42 -3.88
C THR B 69 16.51 13.90 -4.04
N THR B 70 15.79 13.33 -5.02
CA THR B 70 15.73 11.89 -5.14
C THR B 70 16.76 11.30 -6.11
N GLN B 71 17.19 12.06 -7.11
CA GLN B 71 18.03 11.50 -8.17
C GLN B 71 19.47 11.97 -8.10
N GLY B 72 19.82 12.78 -7.09
CA GLY B 72 21.21 13.14 -6.88
C GLY B 72 21.66 14.34 -7.69
N ARG B 73 22.92 14.69 -7.45
CA ARG B 73 23.54 15.85 -8.08
C ARG B 73 23.89 15.55 -9.53
N PHE B 74 23.83 16.60 -10.34
CA PHE B 74 24.09 16.48 -11.77
C PHE B 74 25.55 16.14 -12.06
N ASP B 75 25.76 15.28 -13.06
CA ASP B 75 27.10 14.88 -13.50
C ASP B 75 27.65 15.90 -14.48
N GLY B 76 28.30 16.93 -13.96
CA GLY B 76 28.90 17.93 -14.81
C GLY B 76 28.72 19.31 -14.22
N THR B 77 28.91 20.31 -15.08
CA THR B 77 28.89 21.70 -14.69
C THR B 77 27.69 22.40 -15.32
N VAL B 78 27.07 23.30 -14.57
CA VAL B 78 25.93 24.08 -15.04
C VAL B 78 26.18 25.53 -14.63
N GLU B 79 26.13 26.43 -15.61
CA GLU B 79 26.34 27.86 -15.34
C GLU B 79 25.30 28.64 -16.11
N VAL B 80 24.60 29.54 -15.41
CA VAL B 80 23.63 30.40 -16.04
C VAL B 80 24.35 31.46 -16.85
N LYS B 81 23.93 31.66 -18.10
CA LYS B 81 24.51 32.66 -18.97
C LYS B 81 23.37 33.37 -19.70
N GLU B 82 23.72 34.47 -20.39
CA GLU B 82 22.74 35.39 -20.93
C GLU B 82 21.49 34.69 -21.49
N GLY B 83 21.68 33.82 -22.49
CA GLY B 83 20.58 33.20 -23.19
C GLY B 83 20.16 31.83 -22.70
N GLY B 84 20.74 31.32 -21.62
CA GLY B 84 20.41 29.99 -21.16
C GLY B 84 21.43 29.42 -20.18
N PHE B 85 21.80 28.16 -20.37
CA PHE B 85 22.80 27.50 -19.54
C PHE B 85 24.02 27.17 -20.38
N GLU B 86 25.17 27.11 -19.73
CA GLU B 86 26.32 26.40 -20.24
C GLU B 86 26.43 25.10 -19.44
N VAL B 87 26.21 23.98 -20.10
CA VAL B 87 26.24 22.67 -19.45
C VAL B 87 27.42 21.91 -20.04
N ASN B 88 28.40 21.61 -19.20
CA ASN B 88 29.61 20.91 -19.64
C ASN B 88 30.18 21.59 -20.88
N GLY B 89 30.29 22.91 -20.80
CA GLY B 89 30.82 23.70 -21.91
C GLY B 89 29.77 24.20 -22.87
N LYS B 90 29.00 23.27 -23.43
CA LYS B 90 28.05 23.63 -24.49
C LYS B 90 26.95 24.54 -23.95
N PHE B 91 26.72 25.64 -24.67
CA PHE B 91 25.61 26.54 -24.35
C PHE B 91 24.30 25.97 -24.87
N ILE B 92 23.23 26.18 -24.12
CA ILE B 92 21.91 25.64 -24.45
C ILE B 92 20.87 26.73 -24.19
N LYS B 93 20.22 27.20 -25.26
CA LYS B 93 19.24 28.26 -25.13
C LYS B 93 18.08 27.82 -24.25
N VAL B 94 17.65 28.72 -23.36
CA VAL B 94 16.51 28.51 -22.47
C VAL B 94 15.50 29.62 -22.74
N SER B 95 14.33 29.25 -23.26
CA SER B 95 13.30 30.24 -23.56
C SER B 95 12.22 30.18 -22.49
N ALA B 96 11.21 31.06 -22.64
CA ALA B 96 10.15 31.18 -21.65
C ALA B 96 8.84 31.59 -22.33
N GLU B 97 8.53 30.93 -23.44
CA GLU B 97 7.32 31.22 -24.20
C GLU B 97 6.10 30.63 -23.48
N ARG B 98 4.96 30.59 -24.18
CA ARG B 98 3.85 29.76 -23.71
C ARG B 98 3.00 29.25 -24.86
N ASP B 99 3.45 29.38 -26.11
CA ASP B 99 2.78 28.81 -27.27
C ASP B 99 3.82 28.17 -28.16
N PRO B 100 3.75 26.86 -28.42
CA PRO B 100 4.80 26.21 -29.20
C PRO B 100 5.17 26.94 -30.49
N GLU B 101 4.24 27.69 -31.08
CA GLU B 101 4.56 28.46 -32.26
C GLU B 101 5.58 29.55 -31.97
N GLN B 102 5.67 30.00 -30.71
CA GLN B 102 6.67 30.99 -30.32
C GLN B 102 8.07 30.42 -30.24
N ILE B 103 8.24 29.12 -30.43
CA ILE B 103 9.53 28.47 -30.27
C ILE B 103 10.12 28.25 -31.65
N ASP B 104 11.22 28.93 -31.95
CA ASP B 104 11.91 28.77 -33.23
C ASP B 104 12.88 27.59 -33.12
N TRP B 105 12.29 26.40 -33.00
CA TRP B 105 13.10 25.18 -32.88
C TRP B 105 14.14 25.11 -33.99
N ALA B 106 13.76 25.52 -35.20
CA ALA B 106 14.66 25.37 -36.34
C ALA B 106 15.88 26.26 -36.21
N THR B 107 15.74 27.44 -35.61
CA THR B 107 16.90 28.31 -35.38
C THR B 107 17.91 27.62 -34.47
N ASP B 108 17.45 26.71 -33.61
CA ASP B 108 18.33 25.89 -32.79
C ASP B 108 18.54 24.49 -33.37
N GLY B 109 18.09 24.25 -34.60
CA GLY B 109 18.29 22.98 -35.27
C GLY B 109 17.51 21.82 -34.71
N VAL B 110 16.51 22.07 -33.87
CA VAL B 110 15.78 20.97 -33.21
C VAL B 110 14.89 20.29 -34.22
N GLU B 111 14.95 18.95 -34.26
CA GLU B 111 14.11 18.14 -35.13
C GLU B 111 12.91 17.54 -34.40
N ILE B 112 13.09 17.14 -33.13
CA ILE B 112 12.07 16.42 -32.38
C ILE B 112 11.92 17.08 -31.02
N VAL B 113 10.67 17.20 -30.55
CA VAL B 113 10.36 17.92 -29.33
C VAL B 113 9.82 16.95 -28.29
N LEU B 114 10.38 17.01 -27.08
CA LEU B 114 9.83 16.33 -25.92
C LEU B 114 8.84 17.29 -25.24
N GLU B 115 7.55 16.98 -25.30
CA GLU B 115 6.49 17.86 -24.80
C GLU B 115 6.10 17.37 -23.41
N ALA B 116 6.55 18.07 -22.38
CA ALA B 116 6.50 17.54 -21.02
C ALA B 116 5.84 18.49 -20.01
N THR B 117 5.03 19.44 -20.46
CA THR B 117 4.24 20.21 -19.51
C THR B 117 2.98 19.41 -19.18
N GLY B 118 2.45 19.62 -17.98
CA GLY B 118 1.31 18.83 -17.55
C GLY B 118 0.05 19.05 -18.37
N PHE B 119 0.15 19.86 -19.43
CA PHE B 119 -0.96 20.15 -20.32
C PHE B 119 -0.54 19.79 -21.74
N PHE B 120 -1.34 20.21 -22.72
CA PHE B 120 -1.02 20.11 -24.15
C PHE B 120 -1.04 18.67 -24.68
N ALA B 121 -1.67 17.73 -23.96
CA ALA B 121 -1.63 16.34 -24.36
C ALA B 121 -2.63 16.02 -25.46
N LYS B 122 -2.59 16.78 -26.56
CA LYS B 122 -3.54 16.66 -27.65
C LYS B 122 -2.79 16.81 -28.97
N LYS B 123 -3.25 16.09 -30.01
CA LYS B 123 -2.50 16.11 -31.27
C LYS B 123 -2.41 17.53 -31.81
N GLU B 124 -3.57 18.17 -32.02
CA GLU B 124 -3.58 19.52 -32.57
C GLU B 124 -2.83 20.49 -31.66
N ALA B 125 -2.96 20.32 -30.35
CA ALA B 125 -2.23 21.16 -29.41
C ALA B 125 -0.74 20.90 -29.51
N ALA B 126 -0.34 19.63 -29.56
CA ALA B 126 1.08 19.29 -29.61
C ALA B 126 1.68 19.58 -30.99
N GLU B 127 0.89 19.53 -32.06
CA GLU B 127 1.40 19.83 -33.39
C GLU B 127 1.80 21.30 -33.55
N LYS B 128 1.51 22.14 -32.56
CA LYS B 128 1.92 23.53 -32.61
C LYS B 128 3.44 23.66 -32.74
N HIS B 129 4.20 22.71 -32.18
CA HIS B 129 5.65 22.76 -32.26
C HIS B 129 6.16 22.67 -33.70
N LEU B 130 5.39 22.05 -34.60
CA LEU B 130 5.87 21.91 -35.97
C LEU B 130 5.95 23.26 -36.69
N LYS B 131 5.11 24.23 -36.30
CA LYS B 131 5.19 25.55 -36.90
C LYS B 131 6.53 26.20 -36.60
N GLY B 132 7.07 25.97 -35.40
CA GLY B 132 8.38 26.48 -35.05
C GLY B 132 9.53 25.80 -35.77
N GLY B 133 9.25 24.76 -36.56
CA GLY B 133 10.24 24.10 -37.37
C GLY B 133 10.66 22.71 -36.93
N ALA B 134 10.15 22.23 -35.80
CA ALA B 134 10.42 20.85 -35.40
C ALA B 134 9.65 19.88 -36.29
N LYS B 135 10.18 18.67 -36.43
CA LYS B 135 9.58 17.65 -37.31
C LYS B 135 8.62 16.74 -36.55
N LYS B 136 8.97 16.33 -35.34
CA LYS B 136 8.23 15.34 -34.59
C LYS B 136 8.04 15.79 -33.15
N VAL B 137 7.07 15.18 -32.46
CA VAL B 137 6.77 15.50 -31.08
C VAL B 137 6.44 14.22 -30.32
N VAL B 138 6.99 14.10 -29.11
CA VAL B 138 6.68 13.02 -28.18
C VAL B 138 6.12 13.64 -26.92
N ILE B 139 4.89 13.29 -26.56
CA ILE B 139 4.24 13.83 -25.37
C ILE B 139 4.43 12.84 -24.23
N THR B 140 4.79 13.37 -23.05
CA THR B 140 5.19 12.57 -21.90
C THR B 140 4.02 12.13 -21.03
N ALA B 141 2.85 11.89 -21.62
CA ALA B 141 1.71 11.40 -20.88
C ALA B 141 0.71 10.84 -21.89
N PRO B 142 -0.29 10.10 -21.43
CA PRO B 142 -1.38 9.73 -22.33
C PRO B 142 -1.95 10.98 -22.98
N GLY B 143 -2.37 10.82 -24.22
CA GLY B 143 -3.06 11.85 -24.98
C GLY B 143 -3.51 11.26 -26.29
N GLY B 144 -3.69 9.94 -26.28
CA GLY B 144 -3.83 9.16 -27.49
C GLY B 144 -5.20 8.87 -28.04
N ASN B 145 -5.94 9.89 -28.46
CA ASN B 145 -7.14 9.61 -29.23
C ASN B 145 -6.79 9.50 -30.71
N ASP B 146 -5.93 10.42 -31.17
CA ASP B 146 -5.43 10.46 -32.55
C ASP B 146 -3.92 10.33 -32.56
N VAL B 147 -3.36 9.67 -31.54
CA VAL B 147 -1.93 9.63 -31.31
C VAL B 147 -1.55 8.22 -30.88
N LYS B 148 -0.53 7.65 -31.52
CA LYS B 148 -0.08 6.32 -31.13
C LYS B 148 0.60 6.38 -29.76
N THR B 149 0.41 5.34 -28.97
CA THR B 149 0.96 5.24 -27.63
C THR B 149 1.99 4.13 -27.61
N VAL B 150 3.20 4.45 -27.17
CA VAL B 150 4.35 3.56 -27.33
C VAL B 150 5.01 3.31 -25.98
N VAL B 151 5.05 2.04 -25.58
CA VAL B 151 5.92 1.57 -24.51
C VAL B 151 7.10 0.89 -25.20
N PHE B 152 8.29 1.46 -25.08
CA PHE B 152 9.43 0.89 -25.78
C PHE B 152 9.65 -0.56 -25.36
N ASN B 153 10.07 -1.37 -26.33
CA ASN B 153 10.24 -2.82 -26.24
C ASN B 153 8.95 -3.57 -25.89
N THR B 154 7.80 -2.90 -25.88
CA THR B 154 6.51 -3.60 -25.90
C THR B 154 5.81 -3.45 -27.25
N ASN B 155 5.76 -2.22 -27.80
CA ASN B 155 5.05 -2.03 -29.06
C ASN B 155 5.61 -0.88 -29.89
N HIS B 156 6.90 -0.58 -29.79
CA HIS B 156 7.42 0.48 -30.64
C HIS B 156 7.48 0.08 -32.11
N ASP B 157 7.31 -1.22 -32.42
CA ASP B 157 7.25 -1.63 -33.82
C ASP B 157 6.03 -1.07 -34.55
N VAL B 158 5.09 -0.46 -33.83
CA VAL B 158 3.93 0.15 -34.47
C VAL B 158 4.29 1.42 -35.24
N LEU B 159 5.42 2.05 -34.92
CA LEU B 159 5.80 3.30 -35.57
C LEU B 159 6.33 3.02 -36.98
N ASP B 160 5.89 3.79 -37.97
CA ASP B 160 6.46 3.73 -39.29
C ASP B 160 7.33 4.94 -39.63
N GLY B 161 7.39 5.94 -38.75
CA GLY B 161 8.23 7.11 -38.95
C GLY B 161 7.53 8.30 -39.57
N THR B 162 6.28 8.15 -40.02
CA THR B 162 5.56 9.25 -40.62
C THR B 162 4.67 10.00 -39.62
N GLU B 163 4.50 9.47 -38.42
CA GLU B 163 3.73 10.16 -37.40
C GLU B 163 4.39 11.48 -37.05
N THR B 164 3.58 12.47 -36.71
CA THR B 164 4.09 13.75 -36.22
C THR B 164 4.14 13.79 -34.70
N VAL B 165 3.05 13.38 -34.05
CA VAL B 165 2.94 13.39 -32.60
C VAL B 165 2.71 11.96 -32.14
N ILE B 166 3.46 11.54 -31.12
CA ILE B 166 3.26 10.24 -30.49
C ILE B 166 3.29 10.43 -28.98
N SER B 167 2.79 9.44 -28.26
CA SER B 167 2.80 9.44 -26.80
C SER B 167 3.76 8.37 -26.27
N GLY B 168 4.51 8.73 -25.24
CA GLY B 168 5.27 7.75 -24.50
C GLY B 168 4.49 7.04 -23.42
N ALA B 169 3.17 7.22 -23.40
CA ALA B 169 2.31 6.66 -22.37
C ALA B 169 2.66 7.21 -20.99
N SER B 170 2.17 6.57 -19.94
CA SER B 170 2.43 6.99 -18.57
C SER B 170 3.48 6.09 -17.93
N CSU B 171 3.97 6.42 -16.74
CA CSU B 171 4.94 5.53 -16.14
CB CSU B 171 5.87 6.07 -15.09
SG CSU B 171 5.38 7.70 -14.64
S CSU B 171 3.63 7.35 -13.34
C CSU B 171 4.38 4.25 -15.56
O CSU B 171 5.05 3.23 -15.45
OD1 CSU B 171 3.61 8.40 -12.47
OD2 CSU B 171 2.56 6.99 -14.12
OD3 CSU B 171 3.97 6.01 -12.48
N THR B 172 3.11 4.30 -15.15
CA THR B 172 2.45 3.10 -14.69
C THR B 172 2.23 2.15 -15.87
N THR B 173 1.89 2.70 -17.04
CA THR B 173 1.74 1.86 -18.22
C THR B 173 3.08 1.23 -18.60
N ASN B 174 4.17 1.98 -18.49
CA ASN B 174 5.47 1.44 -18.86
C ASN B 174 5.91 0.35 -17.91
N CYS B 175 5.37 0.33 -16.69
CA CYS B 175 5.64 -0.77 -15.76
C CYS B 175 4.74 -1.97 -16.03
N LEU B 176 3.44 -1.73 -16.17
CA LEU B 176 2.47 -2.81 -16.31
C LEU B 176 2.62 -3.54 -17.65
N ALA B 177 2.86 -2.80 -18.72
CA ALA B 177 2.65 -3.36 -20.07
C ALA B 177 3.49 -4.60 -20.33
N PRO B 178 4.81 -4.62 -20.13
CA PRO B 178 5.56 -5.86 -20.43
C PRO B 178 5.15 -7.03 -19.54
N MET B 179 4.74 -6.76 -18.30
CA MET B 179 4.27 -7.81 -17.42
C MET B 179 2.95 -8.39 -17.93
N ALA B 180 1.99 -7.54 -18.25
CA ALA B 180 0.70 -8.01 -18.76
C ALA B 180 0.86 -8.67 -20.13
N LYS B 181 1.72 -8.11 -20.98
CA LYS B 181 1.92 -8.70 -22.30
C LYS B 181 2.48 -10.11 -22.18
N ALA B 182 3.37 -10.33 -21.21
CA ALA B 182 3.96 -11.65 -21.07
C ALA B 182 2.94 -12.69 -20.63
N LEU B 183 2.05 -12.34 -19.69
CA LEU B 183 0.96 -13.24 -19.32
C LEU B 183 0.09 -13.56 -20.53
N GLN B 184 -0.29 -12.52 -21.30
CA GLN B 184 -1.11 -12.74 -22.47
C GLN B 184 -0.43 -13.66 -23.48
N ASP B 185 0.87 -13.45 -23.73
CA ASP B 185 1.57 -14.22 -24.75
C ASP B 185 1.73 -15.68 -24.34
N ASN B 186 2.01 -15.93 -23.06
CA ASN B 186 2.33 -17.29 -22.62
C ASN B 186 1.08 -18.10 -22.24
N PHE B 187 0.11 -17.46 -21.58
CA PHE B 187 -0.99 -18.17 -20.96
C PHE B 187 -2.37 -17.70 -21.37
N GLY B 188 -2.52 -16.46 -21.83
CA GLY B 188 -3.83 -15.91 -22.10
C GLY B 188 -4.45 -15.30 -20.85
N VAL B 189 -5.02 -14.12 -20.97
CA VAL B 189 -5.61 -13.39 -19.86
C VAL B 189 -7.11 -13.27 -20.09
N VAL B 190 -7.89 -13.73 -19.10
CA VAL B 190 -9.33 -13.46 -19.12
C VAL B 190 -9.60 -12.02 -18.66
N GLU B 191 -9.07 -11.65 -17.51
CA GLU B 191 -9.32 -10.34 -16.91
C GLU B 191 -8.36 -10.17 -15.73
N GLY B 192 -8.26 -8.94 -15.25
CA GLY B 192 -7.36 -8.68 -14.13
C GLY B 192 -7.57 -7.30 -13.55
N LEU B 193 -7.17 -7.17 -12.28
CA LEU B 193 -7.24 -5.90 -11.57
C LEU B 193 -5.84 -5.55 -11.06
N MET B 194 -5.44 -4.29 -11.27
CA MET B 194 -4.14 -3.78 -10.85
C MET B 194 -4.25 -2.94 -9.59
N THR B 195 -3.26 -3.07 -8.71
CA THR B 195 -3.04 -2.12 -7.62
C THR B 195 -1.58 -1.68 -7.67
N THR B 196 -1.37 -0.38 -7.74
CA THR B 196 -0.03 0.20 -7.63
C THR B 196 0.11 0.90 -6.30
N ILE B 197 1.15 0.54 -5.56
CA ILE B 197 1.54 1.25 -4.35
C ILE B 197 2.61 2.23 -4.80
N HIS B 198 2.27 3.52 -4.80
CA HIS B 198 2.91 4.52 -5.63
C HIS B 198 3.48 5.64 -4.76
N ALA B 199 4.67 6.12 -5.13
CA ALA B 199 5.23 7.31 -4.48
C ALA B 199 4.28 8.51 -4.63
N TYR B 200 4.34 9.43 -3.68
CA TYR B 200 3.55 10.65 -3.88
C TYR B 200 4.16 11.47 -5.02
N THR B 201 3.33 12.34 -5.61
CA THR B 201 3.75 13.14 -6.76
C THR B 201 3.29 14.57 -6.57
N GLY B 202 3.68 15.43 -7.54
CA GLY B 202 3.44 16.86 -7.46
C GLY B 202 1.99 17.28 -7.63
N ASP B 203 1.09 16.36 -7.97
CA ASP B 203 -0.32 16.69 -8.03
C ASP B 203 -1.01 16.51 -6.68
N GLN B 204 -0.27 16.13 -5.63
CA GLN B 204 -0.78 16.09 -4.27
C GLN B 204 -0.26 17.30 -3.47
N MET B 205 -1.01 17.64 -2.42
CA MET B 205 -0.65 18.76 -1.56
C MET B 205 0.38 18.35 -0.51
N ILE B 206 1.26 19.28 -0.14
CA ILE B 206 2.20 18.97 0.94
C ILE B 206 1.48 18.94 2.28
N LEU B 207 0.48 19.81 2.46
CA LEU B 207 -0.39 19.78 3.62
C LEU B 207 -1.84 19.93 3.17
N ASP B 208 -2.76 19.49 4.03
CA ASP B 208 -4.19 19.53 3.70
C ASP B 208 -4.58 20.91 3.18
N GLY B 209 -5.16 20.95 1.98
CA GLY B 209 -5.62 22.20 1.41
C GLY B 209 -6.36 22.03 0.09
N PRO B 210 -7.10 23.06 -0.31
CA PRO B 210 -7.93 22.94 -1.51
C PRO B 210 -7.13 22.55 -2.73
N HIS B 211 -7.55 21.48 -3.39
CA HIS B 211 -6.94 21.03 -4.63
C HIS B 211 -7.68 21.66 -5.80
N ARG B 212 -6.91 22.18 -6.76
CA ARG B 212 -7.50 22.96 -7.86
C ARG B 212 -8.41 22.12 -8.73
N GLY B 213 -8.13 20.82 -8.87
CA GLY B 213 -9.04 19.97 -9.62
C GLY B 213 -10.31 19.61 -8.87
N GLY B 214 -10.37 19.89 -7.57
CA GLY B 214 -11.49 19.48 -6.76
C GLY B 214 -11.38 18.09 -6.17
N ASP B 215 -10.25 17.42 -6.37
CA ASP B 215 -10.07 16.07 -5.84
C ASP B 215 -9.88 16.13 -4.33
N LEU B 216 -10.81 15.50 -3.60
CA LEU B 216 -10.81 15.54 -2.14
C LEU B 216 -9.73 14.67 -1.52
N ARG B 217 -9.08 13.81 -2.30
CA ARG B 217 -7.97 13.00 -1.79
C ARG B 217 -6.60 13.59 -2.13
N ARG B 218 -6.44 14.14 -3.34
N ARG B 218 -6.45 14.15 -3.34
CA ARG B 218 -5.21 14.86 -3.63
CA ARG B 218 -5.22 14.87 -3.66
C ARG B 218 -5.10 16.18 -2.87
C ARG B 218 -5.09 16.15 -2.84
N ALA B 219 -6.18 16.61 -2.21
CA ALA B 219 -6.12 17.78 -1.34
C ALA B 219 -5.42 17.51 -0.02
N ARG B 220 -5.11 16.25 0.29
CA ARG B 220 -4.59 15.87 1.58
C ARG B 220 -3.07 15.78 1.56
N ALA B 221 -2.46 15.97 2.74
CA ALA B 221 -1.00 15.90 2.90
C ALA B 221 -0.44 14.60 2.34
N GLY B 222 0.36 14.71 1.27
CA GLY B 222 0.76 13.52 0.53
C GLY B 222 1.86 12.70 1.18
N ALA B 223 2.71 13.33 1.98
CA ALA B 223 3.81 12.63 2.65
C ALA B 223 3.43 12.14 4.05
N ALA B 224 2.17 12.24 4.44
CA ALA B 224 1.74 11.81 5.78
C ALA B 224 0.50 10.93 5.72
N ASN B 225 0.18 10.36 4.57
CA ASN B 225 -1.05 9.58 4.41
C ASN B 225 -0.85 8.47 3.39
N ILE B 226 -1.62 7.40 3.55
CA ILE B 226 -1.95 6.50 2.45
C ILE B 226 -3.16 7.08 1.73
N VAL B 227 -3.02 7.39 0.45
CA VAL B 227 -4.02 8.14 -0.30
C VAL B 227 -4.50 7.33 -1.51
N PRO B 228 -5.74 6.83 -1.51
CA PRO B 228 -6.26 6.18 -2.72
C PRO B 228 -6.35 7.19 -3.87
N ASN B 229 -6.01 6.76 -5.07
N ASN B 229 -6.05 6.70 -5.08
CA ASN B 229 -6.25 7.64 -6.20
CA ASN B 229 -5.95 7.51 -6.29
C ASN B 229 -6.44 6.81 -7.47
C ASN B 229 -6.49 6.70 -7.47
N SER B 230 -7.22 7.37 -8.37
CA SER B 230 -7.62 6.71 -9.60
C SER B 230 -6.48 6.71 -10.61
N THR B 231 -6.52 5.74 -11.51
CA THR B 231 -5.53 5.55 -12.54
C THR B 231 -6.24 5.29 -13.86
N GLY B 232 -5.47 5.24 -14.94
CA GLY B 232 -6.02 4.90 -16.24
C GLY B 232 -5.20 3.86 -16.98
N ALA B 233 -4.03 3.52 -16.45
CA ALA B 233 -3.11 2.64 -17.15
C ALA B 233 -3.77 1.32 -17.54
N ALA B 234 -4.45 0.67 -16.57
CA ALA B 234 -5.03 -0.64 -16.84
C ALA B 234 -6.24 -0.54 -17.75
N LYS B 235 -7.11 0.44 -17.51
CA LYS B 235 -8.29 0.60 -18.37
C LYS B 235 -7.89 0.93 -19.81
N ALA B 236 -6.76 1.60 -20.00
CA ALA B 236 -6.33 2.05 -21.33
C ALA B 236 -5.25 1.15 -21.93
N ILE B 237 -5.00 -0.02 -21.34
CA ILE B 237 -3.88 -0.86 -21.79
C ILE B 237 -4.06 -1.26 -23.25
N GLY B 238 -5.31 -1.34 -23.72
CA GLY B 238 -5.57 -1.74 -25.09
C GLY B 238 -4.86 -0.88 -26.12
N LEU B 239 -4.50 0.36 -25.77
CA LEU B 239 -3.79 1.22 -26.68
C LEU B 239 -2.36 0.73 -26.94
N VAL B 240 -1.80 -0.05 -26.02
CA VAL B 240 -0.45 -0.60 -26.16
C VAL B 240 -0.48 -2.08 -26.48
N ILE B 241 -1.44 -2.81 -25.90
CA ILE B 241 -1.59 -4.25 -26.12
C ILE B 241 -3.01 -4.49 -26.58
N PRO B 242 -3.28 -4.48 -27.89
CA PRO B 242 -4.67 -4.63 -28.33
C PRO B 242 -5.35 -5.86 -27.75
N GLU B 243 -4.60 -6.94 -27.56
CA GLU B 243 -5.18 -8.19 -27.07
C GLU B 243 -5.70 -8.08 -25.65
N LEU B 244 -5.33 -7.04 -24.91
CA LEU B 244 -5.83 -6.81 -23.56
C LEU B 244 -6.87 -5.71 -23.48
N ASN B 245 -7.34 -5.20 -24.62
CA ASN B 245 -8.29 -4.08 -24.59
C ASN B 245 -9.54 -4.47 -23.82
N GLY B 246 -9.92 -3.66 -22.83
CA GLY B 246 -11.12 -3.88 -22.07
C GLY B 246 -11.07 -4.98 -21.05
N LYS B 247 -9.90 -5.63 -20.86
CA LYS B 247 -9.79 -6.76 -19.96
C LYS B 247 -9.31 -6.37 -18.55
N LEU B 248 -8.79 -5.16 -18.36
CA LEU B 248 -8.18 -4.79 -17.10
C LEU B 248 -8.80 -3.53 -16.50
N ASP B 249 -8.71 -3.42 -15.18
CA ASP B 249 -9.01 -2.19 -14.47
C ASP B 249 -8.03 -2.07 -13.32
N GLY B 250 -8.02 -0.93 -12.64
CA GLY B 250 -7.06 -0.79 -11.56
C GLY B 250 -7.24 0.51 -10.80
N SER B 251 -6.35 0.71 -9.84
CA SER B 251 -6.32 1.91 -9.01
C SER B 251 -4.99 1.93 -8.26
N ALA B 252 -4.77 2.98 -7.47
CA ALA B 252 -3.49 3.19 -6.80
C ALA B 252 -3.69 3.54 -5.34
N GLN B 253 -2.67 3.24 -4.55
CA GLN B 253 -2.51 3.79 -3.20
C GLN B 253 -1.22 4.58 -3.18
N ARG B 254 -1.34 5.91 -3.07
CA ARG B 254 -0.17 6.77 -2.91
C ARG B 254 0.31 6.73 -1.47
N VAL B 255 1.61 6.58 -1.26
CA VAL B 255 2.17 6.38 0.08
C VAL B 255 3.36 7.31 0.30
N PRO B 256 3.88 7.45 1.59
CA PRO B 256 4.90 8.48 1.86
C PRO B 256 6.34 8.13 1.49
N THR B 257 6.58 7.87 0.19
N THR B 257 6.58 7.99 0.18
CA THR B 257 7.93 7.93 -0.36
CA THR B 257 7.92 7.93 -0.36
C THR B 257 7.96 8.95 -1.49
C THR B 257 7.98 8.89 -1.54
N PRO B 258 9.06 9.67 -1.69
CA PRO B 258 9.10 10.68 -2.75
C PRO B 258 9.37 10.14 -4.15
N THR B 259 9.88 8.92 -4.28
CA THR B 259 9.88 8.23 -5.57
C THR B 259 10.12 6.75 -5.33
N GLY B 260 9.69 5.95 -6.29
CA GLY B 260 9.73 4.51 -6.17
C GLY B 260 8.35 3.92 -5.95
N SER B 261 7.97 2.97 -6.80
CA SER B 261 6.60 2.46 -6.84
C SER B 261 6.63 0.97 -7.20
N VAL B 262 5.49 0.32 -6.99
CA VAL B 262 5.39 -1.11 -7.29
C VAL B 262 3.96 -1.38 -7.75
N THR B 263 3.84 -2.19 -8.81
CA THR B 263 2.56 -2.50 -9.44
C THR B 263 2.25 -3.98 -9.27
N GLU B 264 1.10 -4.29 -8.69
CA GLU B 264 0.62 -5.66 -8.54
C GLU B 264 -0.53 -5.89 -9.51
N LEU B 265 -0.53 -7.03 -10.17
CA LEU B 265 -1.64 -7.44 -11.03
C LEU B 265 -2.17 -8.79 -10.53
N VAL B 266 -3.46 -8.83 -10.22
CA VAL B 266 -4.17 -10.07 -9.91
C VAL B 266 -5.02 -10.41 -11.12
N ALA B 267 -4.80 -11.60 -11.71
CA ALA B 267 -5.39 -11.94 -13.00
C ALA B 267 -5.98 -13.34 -13.02
N VAL B 268 -7.04 -13.50 -13.81
CA VAL B 268 -7.57 -14.80 -14.21
C VAL B 268 -6.99 -15.12 -15.57
N LEU B 269 -6.34 -16.27 -15.69
CA LEU B 269 -5.70 -16.68 -16.93
C LEU B 269 -6.55 -17.72 -17.64
N GLU B 270 -6.15 -18.02 -18.87
CA GLU B 270 -6.90 -18.95 -19.71
C GLU B 270 -6.45 -20.40 -19.54
N LYS B 271 -5.45 -20.66 -18.71
CA LYS B 271 -5.03 -22.03 -18.41
C LYS B 271 -4.36 -22.02 -17.04
N ASN B 272 -4.27 -23.20 -16.43
CA ASN B 272 -3.62 -23.31 -15.13
C ASN B 272 -2.10 -23.31 -15.27
N VAL B 273 -1.43 -22.73 -14.27
CA VAL B 273 0.01 -22.52 -14.28
C VAL B 273 0.58 -22.84 -12.90
N THR B 274 1.91 -22.89 -12.84
CA THR B 274 2.65 -22.93 -11.58
C THR B 274 3.44 -21.65 -11.41
N VAL B 275 3.89 -21.41 -10.19
CA VAL B 275 4.72 -20.22 -9.91
C VAL B 275 5.99 -20.26 -10.75
N ASP B 276 6.66 -21.40 -10.81
CA ASP B 276 7.88 -21.51 -11.60
C ASP B 276 7.63 -21.19 -13.07
N GLU B 277 6.51 -21.69 -13.62
CA GLU B 277 6.16 -21.38 -15.00
C GLU B 277 5.95 -19.90 -15.23
N VAL B 278 5.23 -19.24 -14.32
CA VAL B 278 5.05 -17.79 -14.41
C VAL B 278 6.39 -17.07 -14.39
N ASN B 279 7.24 -17.40 -13.42
CA ASN B 279 8.51 -16.69 -13.29
C ASN B 279 9.40 -16.92 -14.50
N ALA B 280 9.42 -18.16 -15.01
CA ALA B 280 10.26 -18.47 -16.17
C ALA B 280 9.79 -17.70 -17.39
N ALA B 281 8.47 -17.52 -17.55
CA ALA B 281 7.97 -16.74 -18.67
C ALA B 281 8.42 -15.28 -18.58
N MET B 282 8.43 -14.72 -17.37
CA MET B 282 8.87 -13.33 -17.22
C MET B 282 10.35 -13.20 -17.55
N LYS B 283 11.19 -14.11 -17.03
CA LYS B 283 12.61 -14.10 -17.34
C LYS B 283 12.84 -14.16 -18.85
N ALA B 284 12.07 -14.98 -19.56
CA ALA B 284 12.25 -15.10 -21.01
C ALA B 284 11.83 -13.83 -21.73
N ALA B 285 10.90 -13.06 -21.15
CA ALA B 285 10.48 -11.77 -21.68
C ALA B 285 11.40 -10.63 -21.27
N SER B 286 12.47 -10.89 -20.53
CA SER B 286 13.28 -9.81 -19.99
C SER B 286 14.14 -9.18 -21.08
N ASN B 287 14.41 -7.89 -20.90
CA ASN B 287 15.24 -7.13 -21.84
C ASN B 287 15.64 -5.84 -21.15
N GLU B 288 16.15 -4.87 -21.93
CA GLU B 288 16.61 -3.61 -21.36
C GLU B 288 15.47 -2.77 -20.80
N SER B 289 14.23 -3.03 -21.21
CA SER B 289 13.08 -2.33 -20.67
C SER B 289 12.42 -3.08 -19.52
N TYR B 290 12.52 -4.39 -19.49
CA TYR B 290 11.83 -5.24 -18.51
C TYR B 290 12.86 -6.10 -17.80
N GLY B 291 13.16 -5.77 -16.54
CA GLY B 291 14.13 -6.54 -15.78
C GLY B 291 13.52 -7.70 -15.02
N TYR B 292 14.41 -8.55 -14.48
CA TYR B 292 14.03 -9.71 -13.70
C TYR B 292 14.90 -9.81 -12.46
N THR B 293 14.30 -10.00 -11.29
CA THR B 293 15.09 -10.27 -10.09
C THR B 293 14.43 -11.33 -9.23
N GLU B 294 15.28 -12.11 -8.55
CA GLU B 294 14.86 -13.01 -7.48
C GLU B 294 15.40 -12.56 -6.13
N ASP B 295 16.00 -11.34 -6.05
CA ASP B 295 16.46 -10.78 -4.78
C ASP B 295 15.31 -10.08 -4.06
N PRO B 296 15.17 -10.28 -2.73
CA PRO B 296 14.09 -9.60 -1.99
C PRO B 296 14.39 -8.13 -1.70
N ILE B 297 14.27 -7.31 -2.74
CA ILE B 297 14.59 -5.89 -2.67
C ILE B 297 13.43 -5.09 -2.08
N VAL B 298 13.68 -3.80 -1.81
CA VAL B 298 12.66 -2.86 -1.38
C VAL B 298 12.74 -1.63 -2.29
N SER B 299 11.85 -0.66 -2.06
CA SER B 299 11.64 0.38 -3.06
C SER B 299 12.89 1.25 -3.29
N SER B 300 13.68 1.50 -2.24
N SER B 300 13.66 1.52 -2.24
CA SER B 300 14.86 2.34 -2.42
CA SER B 300 14.87 2.32 -2.41
C SER B 300 15.90 1.69 -3.34
C SER B 300 15.82 1.70 -3.41
N ASP B 301 15.83 0.37 -3.52
CA ASP B 301 16.78 -0.31 -4.39
C ASP B 301 16.55 -0.05 -5.86
N ILE B 302 15.39 0.52 -6.25
CA ILE B 302 15.10 0.74 -7.67
C ILE B 302 15.06 2.22 -8.04
N VAL B 303 15.23 3.13 -7.07
CA VAL B 303 15.15 4.54 -7.45
C VAL B 303 16.33 4.78 -8.39
N GLY B 304 16.10 5.51 -9.48
CA GLY B 304 17.17 5.78 -10.42
C GLY B 304 17.48 4.70 -11.45
N MET B 305 16.82 3.55 -11.41
CA MET B 305 17.16 2.49 -12.36
C MET B 305 16.64 2.83 -13.76
N SER B 306 17.23 2.17 -14.77
CA SER B 306 16.95 2.48 -16.16
C SER B 306 15.96 1.53 -16.81
N TYR B 307 15.66 0.39 -16.18
CA TYR B 307 14.59 -0.48 -16.65
C TYR B 307 13.24 0.23 -16.52
N GLY B 308 12.37 0.04 -17.52
CA GLY B 308 11.02 0.57 -17.38
C GLY B 308 10.20 -0.16 -16.34
N SER B 309 10.58 -1.39 -16.02
CA SER B 309 9.80 -2.33 -15.24
C SER B 309 10.75 -3.41 -14.75
N LEU B 310 10.61 -3.80 -13.49
CA LEU B 310 11.47 -4.83 -12.89
C LEU B 310 10.59 -5.90 -12.24
N PHE B 311 10.46 -7.05 -12.91
CA PHE B 311 9.65 -8.13 -12.36
C PHE B 311 10.32 -8.76 -11.15
N ASP B 312 9.55 -8.96 -10.09
CA ASP B 312 10.05 -9.48 -8.82
C ASP B 312 9.46 -10.86 -8.60
N ALA B 313 10.27 -11.90 -8.86
CA ALA B 313 9.81 -13.28 -8.76
C ALA B 313 9.51 -13.69 -7.33
N THR B 314 10.01 -12.95 -6.34
CA THR B 314 9.76 -13.33 -4.95
C THR B 314 8.33 -13.06 -4.52
N GLN B 315 7.57 -12.27 -5.29
CA GLN B 315 6.22 -11.88 -4.92
C GLN B 315 5.15 -12.61 -5.73
N THR B 316 5.53 -13.56 -6.56
CA THR B 316 4.56 -14.29 -7.38
C THR B 316 3.72 -15.22 -6.52
N LYS B 317 2.42 -15.25 -6.79
N LYS B 317 2.41 -15.23 -6.78
CA LYS B 317 1.52 -16.16 -6.12
CA LYS B 317 1.46 -16.12 -6.11
C LYS B 317 0.55 -16.77 -7.13
C LYS B 317 0.55 -16.77 -7.14
N VAL B 318 0.32 -18.07 -6.97
CA VAL B 318 -0.67 -18.80 -7.75
C VAL B 318 -1.58 -19.50 -6.73
N LEU B 319 -2.79 -18.96 -6.55
CA LEU B 319 -3.76 -19.56 -5.66
C LEU B 319 -4.63 -20.52 -6.44
N ASP B 320 -4.63 -21.80 -6.03
CA ASP B 320 -5.37 -22.85 -6.73
C ASP B 320 -6.35 -23.47 -5.74
N VAL B 321 -7.64 -23.28 -6.00
CA VAL B 321 -8.71 -23.77 -5.15
C VAL B 321 -9.52 -24.75 -5.98
N ASP B 322 -9.34 -26.04 -5.74
CA ASP B 322 -10.02 -27.08 -6.52
C ASP B 322 -9.86 -26.84 -8.02
N GLY B 323 -8.64 -26.48 -8.42
CA GLY B 323 -8.30 -26.31 -9.82
C GLY B 323 -8.60 -24.94 -10.42
N LYS B 324 -9.27 -24.04 -9.71
CA LYS B 324 -9.53 -22.70 -10.18
C LYS B 324 -8.46 -21.76 -9.65
N GLN B 325 -7.85 -20.97 -10.52
CA GLN B 325 -6.63 -20.24 -10.18
C GLN B 325 -6.79 -18.73 -10.28
N LEU B 326 -6.17 -18.05 -9.33
CA LEU B 326 -5.94 -16.60 -9.36
C LEU B 326 -4.44 -16.38 -9.23
N VAL B 327 -3.89 -15.53 -10.08
CA VAL B 327 -2.44 -15.33 -10.16
C VAL B 327 -2.12 -13.88 -9.82
N LYS B 328 -1.07 -13.69 -9.02
CA LYS B 328 -0.56 -12.36 -8.71
C LYS B 328 0.88 -12.24 -9.20
N VAL B 329 1.16 -11.20 -9.98
CA VAL B 329 2.50 -10.87 -10.42
C VAL B 329 2.77 -9.41 -10.08
N VAL B 330 4.03 -9.10 -9.78
CA VAL B 330 4.39 -7.79 -9.21
C VAL B 330 5.67 -7.29 -9.85
N SER B 331 5.68 -6.01 -10.23
N SER B 331 5.66 -6.05 -10.31
CA SER B 331 6.82 -5.39 -10.91
CA SER B 331 6.85 -5.42 -10.86
C SER B 331 7.11 -4.04 -10.27
C SER B 331 7.12 -4.10 -10.14
N TRP B 332 8.40 -3.77 -10.02
CA TRP B 332 8.84 -2.50 -9.45
C TRP B 332 9.09 -1.47 -10.56
N TYR B 333 9.00 -0.19 -10.19
CA TYR B 333 9.49 0.84 -11.09
C TYR B 333 9.78 2.12 -10.33
N ASP B 334 10.82 2.83 -10.76
CA ASP B 334 11.01 4.21 -10.33
C ASP B 334 10.15 5.07 -11.25
N ASN B 335 9.00 5.49 -10.73
CA ASN B 335 8.06 6.25 -11.53
C ASN B 335 8.69 7.48 -12.16
N GLU B 336 9.84 7.94 -11.64
CA GLU B 336 10.60 9.03 -12.29
C GLU B 336 11.56 8.48 -13.36
N MET B 337 12.63 7.81 -12.93
CA MET B 337 13.70 7.49 -13.87
C MET B 337 13.35 6.33 -14.79
N SER B 338 12.58 5.34 -14.32
CA SER B 338 12.19 4.24 -15.21
C SER B 338 11.40 4.78 -16.39
N TYR B 339 10.44 5.67 -16.12
CA TYR B 339 9.65 6.25 -17.18
C TYR B 339 10.50 7.11 -18.11
N THR B 340 11.38 7.93 -17.53
CA THR B 340 12.25 8.78 -18.33
C THR B 340 13.13 7.96 -19.27
N ALA B 341 13.70 6.86 -18.77
CA ALA B 341 14.56 6.03 -19.62
C ALA B 341 13.77 5.48 -20.80
N GLN B 342 12.51 5.10 -20.57
CA GLN B 342 11.67 4.61 -21.65
C GLN B 342 11.38 5.71 -22.67
N LEU B 343 11.04 6.92 -22.19
CA LEU B 343 10.83 8.05 -23.08
C LEU B 343 12.03 8.28 -23.99
N VAL B 344 13.24 8.21 -23.42
CA VAL B 344 14.42 8.55 -24.19
C VAL B 344 14.75 7.43 -25.19
N ARG B 345 14.46 6.18 -24.83
CA ARG B 345 14.55 5.10 -25.81
C ARG B 345 13.62 5.39 -27.00
N THR B 346 12.38 5.78 -26.71
CA THR B 346 11.42 6.06 -27.78
C THR B 346 11.83 7.29 -28.57
N LEU B 347 12.36 8.32 -27.91
CA LEU B 347 12.87 9.50 -28.62
C LEU B 347 13.96 9.11 -29.62
N GLU B 348 14.94 8.33 -29.17
CA GLU B 348 16.04 7.95 -30.05
C GLU B 348 15.53 7.12 -31.22
N TYR B 349 14.79 6.05 -30.92
CA TYR B 349 14.24 5.21 -31.98
C TYR B 349 13.40 6.02 -32.96
N PHE B 350 12.49 6.85 -32.43
CA PHE B 350 11.61 7.63 -33.29
C PHE B 350 12.43 8.49 -34.25
N ALA B 351 13.43 9.19 -33.72
CA ALA B 351 14.29 10.02 -34.57
C ALA B 351 15.06 9.17 -35.58
N LYS B 352 15.47 7.97 -35.17
CA LYS B 352 16.30 7.12 -36.02
C LYS B 352 15.55 6.64 -37.24
N ILE B 353 14.30 6.21 -37.07
CA ILE B 353 13.50 5.70 -38.18
C ILE B 353 12.84 6.85 -38.92
N ALA B 354 13.25 8.08 -38.59
CA ALA B 354 12.95 9.27 -39.39
C ALA B 354 11.55 9.24 -40.00
N LYS B 355 11.45 9.58 -41.29
CA LYS B 355 10.18 9.49 -42.03
C LYS B 355 10.31 8.53 -43.22
CL CL C . -2.26 -14.58 4.13
CA CA D . -13.18 1.28 33.21
C ACY E . -18.13 -14.88 -12.17
O ACY E . -16.89 -15.00 -12.16
OXT ACY E . -18.85 -15.01 -11.15
CH3 ACY E . -18.80 -14.56 -13.46
H1 ACY E . -19.86 -14.35 -13.28
H2 ACY E . -18.72 -15.42 -14.13
H3 ACY E . -18.33 -13.69 -13.91
C1 GOL F . 5.56 10.24 -11.78
O1 GOL F . 5.51 9.70 -10.48
C2 GOL F . 6.80 11.10 -11.96
O2 GOL F . 7.33 10.78 -13.23
C3 GOL F . 6.43 12.57 -11.92
O3 GOL F . 7.48 13.31 -12.49
H11 GOL F . 4.66 10.84 -11.95
H12 GOL F . 5.56 9.43 -12.51
HO1 GOL F . 4.67 9.21 -10.36
H2 GOL F . 7.51 10.88 -11.17
HO2 GOL F . 6.68 10.98 -13.92
H31 GOL F . 6.25 12.89 -10.90
H32 GOL F . 5.51 12.74 -12.49
HO3 GOL F . 7.38 14.25 -12.23
C1 GOL G . 4.33 11.73 -16.13
O1 GOL G . 4.93 11.18 -14.97
C2 GOL G . 4.43 13.24 -16.07
O2 GOL G . 5.26 13.73 -17.10
C3 GOL G . 3.06 13.88 -16.13
O3 GOL G . 3.19 15.28 -16.32
H11 GOL G . 3.28 11.43 -16.17
H12 GOL G . 4.84 11.35 -17.02
HO1 GOL G . 4.81 10.22 -14.96
H2 GOL G . 4.88 13.50 -15.11
HO2 GOL G . 4.86 13.54 -17.97
H31 GOL G . 2.51 13.69 -15.21
H32 GOL G . 2.49 13.45 -16.96
HO3 GOL G . 2.39 15.62 -16.77
C1 GOL H . 5.22 15.29 -13.32
O1 GOL H . 5.03 15.15 -11.92
C2 GOL H . 5.82 16.63 -13.69
O2 GOL H . 7.16 16.40 -14.07
C3 GOL H . 5.73 17.66 -12.57
O3 GOL H . 6.81 18.57 -12.66
H11 GOL H . 4.26 15.18 -13.82
H12 GOL H . 5.87 14.49 -13.67
HO1 GOL H . 4.57 14.30 -11.75
H2 GOL H . 5.28 17.01 -14.55
HO2 GOL H . 7.57 17.23 -14.38
H31 GOL H . 5.74 17.17 -11.61
H32 GOL H . 4.79 18.21 -12.66
HO3 GOL H . 6.68 19.29 -12.01
CL CL I . -6.73 1.66 -14.63
C ACY J . 23.62 11.43 -10.43
O ACY J . 22.63 11.37 -9.67
OXT ACY J . 23.64 12.03 -11.52
CH3 ACY J . 24.87 10.72 -10.03
H1 ACY J . 24.69 10.12 -9.14
H2 ACY J . 25.65 11.46 -9.81
H3 ACY J . 25.21 10.08 -10.84
#